data_9CPH
#
_entry.id   9CPH
#
_cell.length_a   1.00
_cell.length_b   1.00
_cell.length_c   1.00
_cell.angle_alpha   90.00
_cell.angle_beta   90.00
_cell.angle_gamma   90.00
#
_symmetry.space_group_name_H-M   'P 1'
#
loop_
_entity.id
_entity.type
_entity.pdbx_description
1 polymer 'Induced myeloid leukemia cell differentiation protein Mcl-1'
2 polymer 'Bcl-2 homologous antagonist/killer'
3 polymer 'Synthetic antibody, Fab fragment, Heavy Chain'
4 polymer 'Synthetic antibody, Fab fragment, Light Chain'
5 branched alpha-D-glucopyranose-(1-4)-alpha-D-glucopyranose
#
loop_
_entity_poly.entity_id
_entity_poly.type
_entity_poly.pdbx_seq_one_letter_code
_entity_poly.pdbx_strand_id
1 'polypeptide(L)'
;KIEEGKLVIWINGDKGYNGLAEVGKKFEKDTGIKVTVEHPDKLEEKFPQVAATGDGPDIIFWAHDRFGGYAQSGLLAEIT
PDKAFQDKLYPFTWDAVRYNGKLIAYPIAVEALSLIYNKDLLPNPPKTWEEIPALDKELKAKGKSALMFNLQEPYFTWPL
IAADGGYAFKYENGKYDIKDVGVDNAGAKAGLTFLVDLIKNKHMNADTDYSIAEAAFNKGETAMTINGPWAWSNIDTSKV
NYGVTVLPTFKGQPSKPFVGVLSAGINAASPNKELAKEFLENYLLTDEGLEAVNKDKPLGAVALKSYEEELAKDPRIAAT
MENAQKGEIMPNIPQMSAFWYAVRTAVINAASGRQTVDEALKDAQTIIELYRQSLEIISRYLREQATGAADTAPMGRSGA
TSRKALETLRRVGDGVQRNHETAFQGMLRKLDIKNEDDVKSLSRVMIHVFSDGVTNWGRIVTLISFGAFVAKHLKTINQE
SAIEPLAESITDVLVRTKRDWLVKQRGWDGFVEFF
;
A
2 'polypeptide(L)' STMGQVGRQLAIIGDDINRRY B
3 'polypeptide(L)'
;EVQLVESGGGLVQPGGSLRLSCAASGFNLSSSSIHWVRQAPGKGLEWVASIYSYYGSTSYADSVKGRFTISADTSKNTAY
LQMNSLRAEDTAVYYCAREYHSYWSYSWWPRVGLDYWGQGTLVTVSSASTKGPSVFPLAPASKSAAAATAALGCLVKDYF
PEPVTVSWNSGALTSGVHTFPAVLQSSGLYSLSSVVTVPSSSLGTQTYICNVNHKPSNTKVDKKVEPKSC
;
H
4 'polypeptide(L)'
;AQMTQSPSSLSASVGDRVTITCRASQSVSSAVAWYQQKPGKAPKLLIYSASSLYSGVPSRFSGSRSGTDFTLTISSLQPE
DFATYYCQQASLTALLTFGQGTKVEIKRTVAAPSVFIFPPSDSQLKSGTASVVCLLNNFYPREAKVQWKVDNALQSGNSQ
ESVTEQDSKDSTYSLSSTLTLSKADYEKHKVYACEVTHQGLSSPVTKSFNRGEC
;
L
#
# COMPACT_ATOMS: atom_id res chain seq x y z
N LYS A 1 27.58 30.78 -7.98
CA LYS A 1 28.92 30.73 -8.63
C LYS A 1 29.43 29.28 -8.66
N ILE A 2 28.60 28.29 -8.99
CA ILE A 2 29.08 26.92 -9.13
C ILE A 2 30.07 26.85 -10.28
N GLU A 3 31.26 26.30 -9.99
CA GLU A 3 32.27 26.14 -11.02
C GLU A 3 31.82 25.12 -12.05
N GLU A 4 32.19 25.35 -13.31
CA GLU A 4 31.86 24.44 -14.39
C GLU A 4 32.99 23.45 -14.59
N GLY A 5 32.63 22.17 -14.76
CA GLY A 5 33.60 21.13 -14.99
C GLY A 5 33.93 20.28 -13.78
N LYS A 6 33.37 20.58 -12.62
CA LYS A 6 33.60 19.79 -11.41
C LYS A 6 32.28 19.61 -10.67
N LEU A 7 32.07 18.40 -10.15
CA LEU A 7 30.82 18.01 -9.52
C LEU A 7 30.92 18.18 -8.01
N VAL A 8 29.93 18.82 -7.41
CA VAL A 8 29.87 19.06 -5.98
C VAL A 8 28.55 18.52 -5.44
N ILE A 9 28.62 17.68 -4.41
CA ILE A 9 27.47 16.99 -3.86
C ILE A 9 27.36 17.32 -2.37
N TRP A 10 26.14 17.38 -1.87
CA TRP A 10 25.87 17.57 -0.45
C TRP A 10 25.04 16.39 0.04
N ILE A 11 25.54 15.71 1.08
CA ILE A 11 24.87 14.58 1.70
C ILE A 11 24.94 14.75 3.21
N ASN A 12 23.83 14.46 3.88
CA ASN A 12 23.78 14.67 5.33
C ASN A 12 24.89 13.91 6.03
N GLY A 13 25.25 14.39 7.22
CA GLY A 13 26.36 13.80 7.94
C GLY A 13 26.14 12.34 8.28
N ASP A 14 24.95 12.02 8.79
CA ASP A 14 24.61 10.64 9.16
C ASP A 14 24.15 9.86 7.92
N LYS A 15 25.04 9.82 6.92
CA LYS A 15 24.81 9.07 5.71
C LYS A 15 26.15 8.49 5.26
N GLY A 16 26.08 7.64 4.24
CA GLY A 16 27.29 7.02 3.74
C GLY A 16 28.11 7.94 2.86
N TYR A 17 28.45 9.12 3.38
CA TYR A 17 29.20 10.08 2.58
C TYR A 17 30.55 9.54 2.13
N ASN A 18 31.12 8.58 2.86
CA ASN A 18 32.33 7.93 2.37
C ASN A 18 32.04 7.07 1.14
N GLY A 19 30.89 6.38 1.13
CA GLY A 19 30.49 5.68 -0.08
C GLY A 19 30.21 6.62 -1.24
N LEU A 20 29.59 7.76 -0.94
CA LEU A 20 29.39 8.77 -1.97
C LEU A 20 30.73 9.25 -2.52
N ALA A 21 31.70 9.46 -1.65
CA ALA A 21 33.04 9.82 -2.10
C ALA A 21 33.64 8.72 -2.96
N GLU A 22 33.42 7.46 -2.59
CA GLU A 22 33.94 6.35 -3.38
C GLU A 22 33.36 6.35 -4.79
N VAL A 23 32.05 6.50 -4.90
CA VAL A 23 31.44 6.55 -6.23
C VAL A 23 31.92 7.78 -6.98
N GLY A 24 32.13 8.90 -6.28
CA GLY A 24 32.68 10.06 -6.93
C GLY A 24 34.08 9.83 -7.47
N LYS A 25 34.89 9.09 -6.72
CA LYS A 25 36.22 8.72 -7.21
C LYS A 25 36.12 7.84 -8.44
N LYS A 26 35.17 6.90 -8.44
CA LYS A 26 34.94 6.08 -9.63
C LYS A 26 34.57 6.97 -10.82
N PHE A 27 33.67 7.92 -10.60
CA PHE A 27 33.28 8.86 -11.65
C PHE A 27 34.49 9.60 -12.18
N GLU A 28 35.29 10.18 -11.29
CA GLU A 28 36.48 10.92 -11.71
C GLU A 28 37.41 10.01 -12.51
N LYS A 29 37.56 8.76 -12.08
CA LYS A 29 38.40 7.84 -12.81
C LYS A 29 37.89 7.63 -14.23
N ASP A 30 36.58 7.49 -14.40
CA ASP A 30 36.02 7.20 -15.71
C ASP A 30 35.88 8.47 -16.55
N THR A 31 35.06 9.41 -16.10
CA THR A 31 34.76 10.58 -16.93
C THR A 31 35.93 11.56 -16.97
N GLY A 32 36.65 11.69 -15.86
CA GLY A 32 37.77 12.60 -15.79
C GLY A 32 37.46 13.99 -15.30
N ILE A 33 36.41 14.17 -14.49
CA ILE A 33 36.08 15.45 -13.89
C ILE A 33 36.00 15.27 -12.38
N LYS A 34 36.60 16.18 -11.63
CA LYS A 34 36.71 16.02 -10.19
C LYS A 34 35.35 15.95 -9.54
N VAL A 35 35.24 15.13 -8.51
CA VAL A 35 34.02 14.96 -7.73
C VAL A 35 34.35 15.26 -6.28
N THR A 36 33.52 16.09 -5.64
CA THR A 36 33.68 16.45 -4.24
C THR A 36 32.36 16.27 -3.53
N VAL A 37 32.39 15.63 -2.37
CA VAL A 37 31.20 15.38 -1.57
C VAL A 37 31.40 16.05 -0.22
N GLU A 38 30.41 16.81 0.21
CA GLU A 38 30.44 17.49 1.49
C GLU A 38 29.21 17.10 2.31
N HIS A 39 29.31 17.32 3.63
CA HIS A 39 28.19 17.08 4.54
C HIS A 39 28.03 18.31 5.42
N PRO A 40 27.60 19.43 4.84
CA PRO A 40 27.45 20.65 5.64
C PRO A 40 26.45 20.44 6.76
N ASP A 41 26.67 21.14 7.88
CA ASP A 41 25.74 21.08 8.98
C ASP A 41 24.36 21.52 8.52
N LYS A 42 23.35 20.72 8.85
CA LYS A 42 21.97 20.94 8.43
C LYS A 42 21.92 21.42 6.97
N LEU A 43 22.47 20.59 6.08
CA LEU A 43 22.50 20.93 4.67
C LEU A 43 21.11 21.20 4.12
N GLU A 44 20.09 20.57 4.68
CA GLU A 44 18.74 20.75 4.18
C GLU A 44 18.31 22.21 4.24
N GLU A 45 18.91 22.99 5.12
CA GLU A 45 18.65 24.43 5.19
C GLU A 45 19.72 25.25 4.47
N LYS A 46 20.95 24.73 4.37
CA LYS A 46 21.99 25.45 3.65
C LYS A 46 21.70 25.52 2.16
N PHE A 47 21.28 24.39 1.57
CA PHE A 47 21.14 24.33 0.11
C PHE A 47 20.23 25.41 -0.46
N PRO A 48 19.02 25.64 0.05
CA PRO A 48 18.19 26.68 -0.57
C PRO A 48 18.83 28.05 -0.55
N GLN A 49 19.49 28.42 0.55
CA GLN A 49 20.09 29.75 0.64
C GLN A 49 21.20 29.93 -0.38
N VAL A 50 22.09 28.95 -0.49
CA VAL A 50 23.23 29.08 -1.40
C VAL A 50 22.75 28.99 -2.84
N ALA A 51 21.88 28.03 -3.15
CA ALA A 51 21.41 27.88 -4.52
C ALA A 51 20.63 29.11 -4.97
N ALA A 52 19.89 29.74 -4.07
CA ALA A 52 19.20 30.98 -4.40
C ALA A 52 20.16 32.02 -4.94
N THR A 53 21.39 32.04 -4.45
CA THR A 53 22.40 33.00 -4.88
C THR A 53 23.15 32.54 -6.12
N GLY A 54 22.83 31.35 -6.65
CA GLY A 54 23.51 30.82 -7.81
C GLY A 54 24.72 29.96 -7.51
N ASP A 55 25.12 29.85 -6.25
CA ASP A 55 26.22 28.98 -5.84
C ASP A 55 25.63 27.67 -5.33
N GLY A 56 26.49 26.85 -4.71
CA GLY A 56 26.04 25.63 -4.09
C GLY A 56 26.54 24.39 -4.79
N PRO A 57 26.11 23.22 -4.32
CA PRO A 57 26.53 21.97 -4.95
C PRO A 57 25.80 21.73 -6.26
N ASP A 58 26.42 20.91 -7.10
CA ASP A 58 25.77 20.49 -8.34
C ASP A 58 24.74 19.40 -8.10
N ILE A 59 24.70 18.82 -6.89
CA ILE A 59 23.67 17.84 -6.52
C ILE A 59 23.40 18.00 -5.03
N ILE A 60 22.15 17.78 -4.64
CA ILE A 60 21.74 17.85 -3.24
C ILE A 60 21.00 16.55 -2.92
N PHE A 61 21.44 15.88 -1.85
CA PHE A 61 20.84 14.63 -1.40
C PHE A 61 20.00 14.89 -0.16
N TRP A 62 18.78 14.36 -0.14
CA TRP A 62 17.93 14.54 1.02
C TRP A 62 16.68 13.71 0.81
N ALA A 63 15.92 13.53 1.87
CA ALA A 63 14.63 12.85 1.74
C ALA A 63 13.72 13.68 0.85
N HIS A 64 12.85 12.99 0.10
CA HIS A 64 11.85 13.65 -0.74
C HIS A 64 11.02 14.63 0.07
N ASP A 65 11.10 14.52 1.39
CA ASP A 65 10.35 15.36 2.31
C ASP A 65 10.19 16.79 1.82
N ARG A 66 11.29 17.47 1.51
CA ARG A 66 11.27 18.90 1.24
C ARG A 66 11.69 19.25 -0.17
N PHE A 67 12.02 18.28 -1.02
CA PHE A 67 12.42 18.60 -2.37
C PHE A 67 11.30 19.30 -3.13
N GLY A 68 10.06 19.09 -2.72
CA GLY A 68 8.96 19.80 -3.37
C GLY A 68 9.09 21.30 -3.24
N GLY A 69 9.46 21.78 -2.05
CA GLY A 69 9.69 23.20 -1.88
C GLY A 69 10.84 23.70 -2.73
N TYR A 70 11.92 22.91 -2.81
CA TYR A 70 13.04 23.28 -3.68
C TYR A 70 12.57 23.47 -5.11
N ALA A 71 11.84 22.48 -5.64
CA ALA A 71 11.37 22.59 -7.02
C ALA A 71 10.42 23.76 -7.19
N GLN A 72 9.50 23.95 -6.24
CA GLN A 72 8.52 25.03 -6.37
C GLN A 72 9.21 26.39 -6.40
N SER A 73 10.20 26.59 -5.53
CA SER A 73 10.95 27.84 -5.56
C SER A 73 11.86 27.94 -6.78
N GLY A 74 12.14 26.81 -7.43
CA GLY A 74 12.97 26.81 -8.62
C GLY A 74 14.42 26.45 -8.40
N LEU A 75 14.81 26.13 -7.17
CA LEU A 75 16.21 25.81 -6.90
C LEU A 75 16.64 24.54 -7.62
N LEU A 76 15.74 23.56 -7.71
CA LEU A 76 16.04 22.32 -8.42
C LEU A 76 15.63 22.44 -9.88
N ALA A 77 16.31 21.67 -10.72
CA ALA A 77 16.03 21.61 -12.15
C ALA A 77 15.34 20.29 -12.47
N GLU A 78 14.26 20.36 -13.23
CA GLU A 78 13.53 19.15 -13.60
C GLU A 78 14.46 18.18 -14.32
N ILE A 79 14.40 16.93 -13.91
CA ILE A 79 15.20 15.87 -14.52
C ILE A 79 14.39 15.25 -15.65
N THR A 80 15.08 14.66 -16.61
CA THR A 80 14.46 14.06 -17.79
C THR A 80 14.98 12.65 -17.96
N PRO A 81 14.56 11.72 -17.10
CA PRO A 81 14.98 10.32 -17.27
C PRO A 81 14.10 9.58 -18.24
N ASP A 82 14.75 8.88 -19.18
CA ASP A 82 14.03 8.11 -20.20
C ASP A 82 13.04 7.16 -19.55
N LYS A 83 12.04 6.73 -20.32
CA LYS A 83 11.06 5.77 -19.79
C LYS A 83 11.76 4.51 -19.28
N ALA A 84 12.80 4.06 -19.98
CA ALA A 84 13.52 2.88 -19.54
C ALA A 84 14.05 3.07 -18.13
N PHE A 85 14.64 4.23 -17.84
CA PHE A 85 15.12 4.49 -16.49
C PHE A 85 13.95 4.61 -15.52
N GLN A 86 12.89 5.32 -15.92
CA GLN A 86 11.73 5.46 -15.03
C GLN A 86 11.20 4.10 -14.62
N ASP A 87 11.36 3.08 -15.47
CA ASP A 87 10.99 1.72 -15.12
C ASP A 87 11.98 1.08 -14.15
N LYS A 88 13.18 1.63 -14.01
CA LYS A 88 14.21 1.01 -13.19
C LYS A 88 14.00 1.25 -11.69
N LEU A 89 13.03 2.07 -11.31
CA LEU A 89 12.81 2.40 -9.90
C LEU A 89 11.38 2.03 -9.51
N TYR A 90 11.17 1.90 -8.21
CA TYR A 90 9.85 1.50 -7.72
C TYR A 90 8.82 2.58 -8.05
N PRO A 91 7.66 2.22 -8.57
CA PRO A 91 6.68 3.25 -8.94
C PRO A 91 6.32 4.17 -7.80
N PHE A 92 6.19 3.65 -6.58
CA PHE A 92 5.80 4.51 -5.47
C PHE A 92 6.91 5.49 -5.11
N THR A 93 8.17 5.10 -5.31
CA THR A 93 9.26 6.06 -5.13
C THR A 93 9.13 7.23 -6.09
N TRP A 94 8.88 6.92 -7.37
CA TRP A 94 8.66 7.99 -8.34
C TRP A 94 7.50 8.87 -7.93
N ASP A 95 6.36 8.26 -7.59
CA ASP A 95 5.20 9.04 -7.18
C ASP A 95 5.50 9.92 -5.98
N ALA A 96 6.40 9.46 -5.10
CA ALA A 96 6.78 10.27 -3.95
C ALA A 96 7.64 11.46 -4.38
N VAL A 97 8.64 11.21 -5.23
CA VAL A 97 9.55 12.29 -5.61
C VAL A 97 8.90 13.23 -6.61
N ARG A 98 7.98 12.72 -7.44
CA ARG A 98 7.36 13.56 -8.46
C ARG A 98 6.58 14.70 -7.81
N TYR A 99 6.70 15.88 -8.39
CA TYR A 99 6.01 17.07 -7.89
C TYR A 99 5.31 17.77 -9.05
N ASN A 100 4.07 18.20 -8.81
CA ASN A 100 3.26 18.88 -9.81
C ASN A 100 3.20 18.06 -11.10
N GLY A 101 3.31 16.74 -10.98
CA GLY A 101 3.30 15.87 -12.15
C GLY A 101 4.63 15.73 -12.85
N LYS A 102 5.67 16.42 -12.39
CA LYS A 102 6.99 16.36 -12.99
C LYS A 102 7.99 15.80 -11.99
N LEU A 103 8.99 15.09 -12.52
CA LEU A 103 10.03 14.51 -11.69
C LEU A 103 11.06 15.57 -11.35
N ILE A 104 11.30 15.79 -10.05
CA ILE A 104 12.22 16.82 -9.60
C ILE A 104 13.51 16.26 -9.02
N ALA A 105 13.57 14.95 -8.76
CA ALA A 105 14.78 14.37 -8.19
C ALA A 105 14.78 12.87 -8.43
N TYR A 106 15.96 12.27 -8.28
CA TYR A 106 16.11 10.84 -8.43
C TYR A 106 15.99 10.16 -7.07
N PRO A 107 14.99 9.32 -6.84
CA PRO A 107 14.95 8.59 -5.56
C PRO A 107 16.15 7.66 -5.43
N ILE A 108 16.72 7.62 -4.24
CA ILE A 108 17.84 6.74 -3.93
C ILE A 108 17.39 5.52 -3.17
N ALA A 109 16.61 5.71 -2.11
CA ALA A 109 16.19 4.58 -1.29
C ALA A 109 15.10 5.00 -0.33
N VAL A 110 14.13 4.11 -0.12
CA VAL A 110 13.04 4.35 0.82
C VAL A 110 13.45 3.82 2.19
N GLU A 111 13.27 4.64 3.22
CA GLU A 111 13.73 4.32 4.56
C GLU A 111 12.67 4.73 5.58
N ALA A 112 12.66 4.02 6.70
CA ALA A 112 11.75 4.32 7.81
C ALA A 112 12.38 3.80 9.09
N LEU A 113 11.89 4.30 10.21
CA LEU A 113 12.48 4.01 11.51
C LEU A 113 12.10 2.60 11.97
N SER A 114 12.80 2.15 13.00
CA SER A 114 12.52 0.85 13.61
C SER A 114 12.93 0.91 15.07
N LEU A 115 12.39 -0.02 15.87
CA LEU A 115 12.77 -0.16 17.27
C LEU A 115 13.89 -1.20 17.33
N ILE A 116 15.09 -0.74 17.65
CA ILE A 116 16.27 -1.60 17.73
C ILE A 116 16.57 -1.82 19.21
N TYR A 117 16.49 -3.07 19.64
CA TYR A 117 16.71 -3.45 21.02
C TYR A 117 17.96 -4.31 21.13
N ASN A 118 18.49 -4.40 22.36
CA ASN A 118 19.67 -5.20 22.65
C ASN A 118 19.20 -6.57 23.13
N LYS A 119 19.46 -7.60 22.33
CA LYS A 119 19.00 -8.94 22.68
C LYS A 119 19.55 -9.38 24.02
N ASP A 120 20.79 -8.97 24.33
CA ASP A 120 21.42 -9.42 25.57
C ASP A 120 20.62 -8.97 26.80
N LEU A 121 20.34 -7.67 26.88
CA LEU A 121 19.62 -7.16 28.04
C LEU A 121 18.15 -7.55 28.00
N LEU A 122 17.51 -7.43 26.85
CA LEU A 122 16.07 -7.61 26.72
C LEU A 122 15.78 -8.80 25.81
N PRO A 123 15.46 -9.98 26.34
CA PRO A 123 15.24 -11.14 25.47
C PRO A 123 14.11 -10.94 24.48
N ASN A 124 13.06 -10.22 24.86
CA ASN A 124 11.92 -9.98 23.99
C ASN A 124 11.54 -8.50 24.08
N PRO A 125 11.44 -7.80 22.95
CA PRO A 125 11.05 -6.39 23.02
C PRO A 125 9.60 -6.26 23.44
N PRO A 126 9.22 -5.14 24.06
CA PRO A 126 7.82 -4.95 24.43
C PRO A 126 6.97 -4.69 23.18
N LYS A 127 5.90 -5.47 23.03
CA LYS A 127 5.04 -5.36 21.87
C LYS A 127 4.23 -4.07 21.86
N THR A 128 4.15 -3.36 22.98
CA THR A 128 3.43 -2.11 23.06
C THR A 128 4.22 -1.11 23.88
N TRP A 129 3.94 0.17 23.65
CA TRP A 129 4.65 1.21 24.37
C TRP A 129 4.34 1.17 25.87
N GLU A 130 3.14 0.71 26.23
CA GLU A 130 2.73 0.76 27.63
C GLU A 130 3.62 -0.10 28.52
N GLU A 131 4.38 -1.02 27.94
CA GLU A 131 5.28 -1.86 28.73
C GLU A 131 6.62 -1.20 29.00
N ILE A 132 6.91 -0.07 28.37
CA ILE A 132 8.23 0.56 28.55
C ILE A 132 8.50 0.90 30.00
N PRO A 133 7.57 1.54 30.73
CA PRO A 133 7.85 1.84 32.14
C PRO A 133 8.31 0.62 32.92
N ALA A 134 7.48 -0.43 32.94
CA ALA A 134 7.83 -1.64 33.67
C ALA A 134 9.26 -2.07 33.35
N LEU A 135 9.52 -2.40 32.09
CA LEU A 135 10.86 -2.81 31.70
C LEU A 135 11.90 -1.80 32.19
N ASP A 136 11.66 -0.52 31.93
CA ASP A 136 12.56 0.51 32.43
C ASP A 136 12.87 0.28 33.90
N LYS A 137 11.83 0.26 34.73
CA LYS A 137 12.03 0.05 36.15
C LYS A 137 12.88 -1.19 36.39
N GLU A 138 12.51 -2.30 35.73
CA GLU A 138 13.28 -3.53 35.88
C GLU A 138 14.75 -3.27 35.55
N LEU A 139 15.01 -2.70 34.38
CA LEU A 139 16.39 -2.44 34.00
C LEU A 139 17.02 -1.36 34.86
N LYS A 140 16.21 -0.51 35.48
CA LYS A 140 16.76 0.46 36.42
C LYS A 140 17.36 -0.24 37.64
N ALA A 141 16.83 -1.42 37.99
CA ALA A 141 17.40 -2.18 39.09
C ALA A 141 18.82 -2.61 38.78
N LYS A 142 19.08 -3.02 37.55
CA LYS A 142 20.40 -3.46 37.13
C LYS A 142 21.28 -2.33 36.62
N GLY A 143 20.81 -1.08 36.74
CA GLY A 143 21.62 0.07 36.38
C GLY A 143 21.56 0.47 34.92
N LYS A 144 20.71 -0.18 34.12
CA LYS A 144 20.57 0.14 32.71
C LYS A 144 19.32 1.00 32.49
N SER A 145 19.07 1.32 31.22
CA SER A 145 17.87 2.04 30.82
C SER A 145 17.22 1.31 29.66
N ALA A 146 15.90 1.21 29.68
CA ALA A 146 15.20 0.43 28.67
C ALA A 146 15.31 1.08 27.29
N LEU A 147 14.75 2.28 27.16
CA LEU A 147 14.65 2.96 25.88
C LEU A 147 15.33 4.32 25.95
N MET A 148 16.09 4.66 24.91
CA MET A 148 16.74 5.97 24.81
C MET A 148 17.00 6.25 23.34
N PHE A 149 16.31 7.25 22.79
CA PHE A 149 16.44 7.59 21.39
C PHE A 149 16.50 9.11 21.26
N ASN A 150 16.55 9.58 20.01
CA ASN A 150 16.71 11.00 19.73
C ASN A 150 15.37 11.71 19.90
N LEU A 151 15.26 12.54 20.93
CA LEU A 151 14.09 13.36 21.14
C LEU A 151 14.18 14.72 20.46
N GLN A 152 15.37 15.12 20.01
CA GLN A 152 15.53 16.45 19.44
C GLN A 152 14.82 16.58 18.10
N GLU A 153 15.03 15.62 17.21
CA GLU A 153 14.46 15.69 15.87
C GLU A 153 13.03 15.15 15.90
N PRO A 154 12.04 15.91 15.43
CA PRO A 154 10.65 15.40 15.46
C PRO A 154 10.46 14.14 14.63
N TYR A 155 11.37 13.84 13.71
CA TYR A 155 11.21 12.64 12.89
C TYR A 155 11.17 11.39 13.74
N PHE A 156 12.05 11.31 14.75
CA PHE A 156 12.14 10.08 15.55
C PHE A 156 10.94 9.93 16.47
N THR A 157 10.47 11.03 17.06
CA THR A 157 9.33 10.96 17.97
C THR A 157 7.99 10.92 17.25
N TRP A 158 7.96 11.26 15.96
CA TRP A 158 6.68 11.32 15.25
C TRP A 158 5.96 9.98 15.22
N PRO A 159 6.61 8.87 14.86
CA PRO A 159 5.88 7.58 14.79
C PRO A 159 4.98 7.33 15.98
N LEU A 160 5.39 7.76 17.17
CA LEU A 160 4.51 7.63 18.34
C LEU A 160 3.37 8.65 18.28
N ILE A 161 3.65 9.85 17.79
CA ILE A 161 2.60 10.88 17.71
C ILE A 161 1.50 10.44 16.74
N ALA A 162 1.89 9.77 15.66
CA ALA A 162 0.95 9.37 14.62
C ALA A 162 0.36 7.98 14.86
N ALA A 163 0.76 7.29 15.93
CA ALA A 163 0.28 5.93 16.15
C ALA A 163 -1.24 5.89 16.26
N ASP A 164 -1.77 6.53 17.30
CA ASP A 164 -3.22 6.51 17.52
C ASP A 164 -3.95 7.26 16.41
N GLY A 165 -3.66 8.55 16.28
CA GLY A 165 -4.24 9.35 15.23
C GLY A 165 -3.21 10.29 14.66
N GLY A 166 -3.58 11.55 14.43
CA GLY A 166 -2.61 12.54 14.04
C GLY A 166 -2.22 12.42 12.58
N TYR A 167 -2.14 13.54 11.88
CA TYR A 167 -1.73 13.55 10.49
C TYR A 167 -1.11 14.90 10.17
N ALA A 168 -0.33 14.94 9.09
CA ALA A 168 0.32 16.18 8.69
C ALA A 168 -0.65 17.09 7.94
N PHE A 169 -1.16 16.61 6.80
CA PHE A 169 -2.09 17.39 5.99
C PHE A 169 -3.23 16.50 5.55
N LYS A 170 -4.46 16.96 5.77
CA LYS A 170 -5.62 16.16 5.43
C LYS A 170 -5.79 16.08 3.92
N TYR A 171 -5.73 14.87 3.39
CA TYR A 171 -6.01 14.65 1.98
C TYR A 171 -7.50 14.72 1.72
N GLU A 172 -7.88 15.19 0.54
CA GLU A 172 -9.28 15.38 0.21
C GLU A 172 -9.41 15.52 -1.30
N ASN A 173 -10.19 14.64 -1.91
CA ASN A 173 -10.54 14.71 -3.33
C ASN A 173 -9.29 14.97 -4.18
N GLY A 174 -8.21 14.26 -3.86
CA GLY A 174 -7.02 14.28 -4.68
C GLY A 174 -6.01 15.36 -4.36
N LYS A 175 -6.26 16.19 -3.36
CA LYS A 175 -5.28 17.22 -3.01
C LYS A 175 -5.32 17.48 -1.51
N TYR A 176 -4.23 18.04 -0.99
CA TYR A 176 -4.15 18.33 0.42
C TYR A 176 -4.99 19.56 0.78
N ASP A 177 -5.28 19.69 2.07
CA ASP A 177 -5.89 20.89 2.63
C ASP A 177 -4.89 21.46 3.63
N ILE A 178 -4.06 22.41 3.15
CA ILE A 178 -3.03 22.98 4.00
C ILE A 178 -3.63 23.71 5.19
N LYS A 179 -4.92 24.01 5.15
CA LYS A 179 -5.60 24.59 6.30
C LYS A 179 -6.05 23.53 7.30
N ASP A 180 -5.84 22.25 6.99
CA ASP A 180 -6.20 21.15 7.88
C ASP A 180 -4.92 20.45 8.32
N VAL A 181 -4.60 20.56 9.60
CA VAL A 181 -3.40 19.97 10.18
C VAL A 181 -3.82 19.02 11.29
N GLY A 182 -3.31 17.81 11.25
CA GLY A 182 -3.63 16.78 12.21
C GLY A 182 -2.70 16.68 13.40
N VAL A 183 -1.81 17.66 13.59
CA VAL A 183 -0.88 17.63 14.72
C VAL A 183 -1.48 18.21 16.00
N ASP A 184 -2.79 18.46 16.02
CA ASP A 184 -3.45 18.95 17.22
C ASP A 184 -4.66 18.10 17.61
N ASN A 185 -4.95 17.02 16.89
CA ASN A 185 -6.11 16.21 17.18
C ASN A 185 -5.81 15.29 18.36
N ALA A 186 -6.74 14.38 18.66
CA ALA A 186 -6.62 13.54 19.85
C ALA A 186 -5.44 12.59 19.76
N GLY A 187 -5.18 12.02 18.59
CA GLY A 187 -4.15 11.00 18.47
C GLY A 187 -2.76 11.52 18.82
N ALA A 188 -2.39 12.66 18.22
CA ALA A 188 -1.11 13.26 18.53
C ALA A 188 -1.04 13.68 20.00
N LYS A 189 -2.13 14.24 20.52
CA LYS A 189 -2.18 14.57 21.94
C LYS A 189 -1.82 13.37 22.79
N ALA A 190 -2.48 12.24 22.54
CA ALA A 190 -2.24 11.05 23.35
C ALA A 190 -0.81 10.55 23.19
N GLY A 191 -0.30 10.51 21.97
CA GLY A 191 1.04 10.02 21.74
C GLY A 191 2.09 10.84 22.46
N LEU A 192 2.05 12.16 22.24
CA LEU A 192 3.06 13.00 22.88
C LEU A 192 2.85 13.09 24.38
N THR A 193 1.61 12.91 24.86
CA THR A 193 1.39 12.83 26.30
C THR A 193 2.06 11.60 26.88
N PHE A 194 1.95 10.47 26.20
CA PHE A 194 2.65 9.28 26.67
C PHE A 194 4.16 9.51 26.67
N LEU A 195 4.67 10.19 25.64
CA LEU A 195 6.09 10.46 25.58
C LEU A 195 6.55 11.34 26.74
N VAL A 196 5.82 12.42 27.01
CA VAL A 196 6.22 13.30 28.10
C VAL A 196 6.08 12.58 29.44
N ASP A 197 5.10 11.69 29.56
CA ASP A 197 4.99 10.88 30.77
C ASP A 197 6.20 9.98 30.94
N LEU A 198 6.68 9.39 29.85
CA LEU A 198 7.93 8.64 29.90
C LEU A 198 9.07 9.52 30.36
N ILE A 199 9.14 10.74 29.84
CA ILE A 199 10.24 11.64 30.18
C ILE A 199 10.23 11.97 31.66
N LYS A 200 9.06 12.32 32.20
CA LYS A 200 8.99 12.73 33.59
C LYS A 200 8.91 11.56 34.55
N ASN A 201 8.86 10.32 34.04
CA ASN A 201 8.98 9.13 34.88
C ASN A 201 10.43 8.72 35.08
N LYS A 202 11.38 9.53 34.59
CA LYS A 202 12.82 9.29 34.66
C LYS A 202 13.28 8.22 33.68
N HIS A 203 12.37 7.56 32.96
CA HIS A 203 12.76 6.58 31.96
C HIS A 203 13.48 7.19 30.78
N MET A 204 13.44 8.52 30.64
CA MET A 204 14.08 9.20 29.53
C MET A 204 14.54 10.58 30.00
N ASN A 205 15.46 11.16 29.24
CA ASN A 205 15.96 12.51 29.50
C ASN A 205 15.78 13.35 28.25
N ALA A 206 15.33 14.59 28.43
CA ALA A 206 15.00 15.45 27.31
C ALA A 206 16.24 15.75 26.47
N ASP A 207 17.38 16.00 27.12
CA ASP A 207 18.57 16.43 26.41
C ASP A 207 19.14 15.38 25.48
N THR A 208 18.66 14.14 25.56
CA THR A 208 19.17 13.08 24.69
C THR A 208 19.06 13.50 23.23
N ASP A 209 20.14 13.29 22.48
CA ASP A 209 20.16 13.59 21.05
C ASP A 209 20.57 12.34 20.27
N TYR A 210 20.80 12.50 18.96
CA TYR A 210 21.14 11.34 18.15
C TYR A 210 22.46 10.73 18.59
N SER A 211 23.51 11.55 18.70
CA SER A 211 24.83 11.01 19.03
C SER A 211 24.84 10.40 20.43
N ILE A 212 24.21 11.07 21.40
CA ILE A 212 24.21 10.56 22.77
C ILE A 212 23.55 9.19 22.81
N ALA A 213 22.36 9.07 22.22
CA ALA A 213 21.65 7.79 22.25
C ALA A 213 22.42 6.72 21.49
N GLU A 214 22.99 7.08 20.35
CA GLU A 214 23.75 6.10 19.57
C GLU A 214 24.91 5.56 20.37
N ALA A 215 25.68 6.46 21.00
CA ALA A 215 26.82 6.01 21.80
C ALA A 215 26.35 5.17 22.98
N ALA A 216 25.28 5.58 23.65
CA ALA A 216 24.78 4.83 24.79
C ALA A 216 24.42 3.41 24.39
N PHE A 217 23.67 3.26 23.29
CA PHE A 217 23.31 1.93 22.84
C PHE A 217 24.53 1.14 22.42
N ASN A 218 25.46 1.78 21.72
CA ASN A 218 26.66 1.07 21.26
C ASN A 218 27.44 0.51 22.43
N LYS A 219 27.60 1.29 23.51
CA LYS A 219 28.29 0.79 24.68
C LYS A 219 27.51 -0.30 25.40
N GLY A 220 26.21 -0.42 25.11
CA GLY A 220 25.37 -1.37 25.80
C GLY A 220 24.62 -0.83 26.99
N GLU A 221 24.65 0.48 27.21
CA GLU A 221 23.98 1.06 28.38
C GLU A 221 22.47 0.89 28.31
N THR A 222 21.88 1.09 27.13
CA THR A 222 20.44 1.14 26.99
C THR A 222 19.94 -0.08 26.23
N ALA A 223 18.77 -0.59 26.64
CA ALA A 223 18.23 -1.81 26.05
C ALA A 223 17.65 -1.56 24.67
N MET A 224 16.96 -0.42 24.48
CA MET A 224 16.24 -0.15 23.25
C MET A 224 16.50 1.29 22.80
N THR A 225 16.31 1.51 21.50
CA THR A 225 16.29 2.85 20.93
C THR A 225 15.52 2.78 19.63
N ILE A 226 15.28 3.95 19.04
CA ILE A 226 14.50 4.09 17.81
C ILE A 226 15.40 4.74 16.78
N ASN A 227 15.56 4.10 15.62
CA ASN A 227 16.46 4.65 14.64
C ASN A 227 16.24 3.99 13.29
N GLY A 228 16.79 4.62 12.26
CA GLY A 228 16.66 4.16 10.90
C GLY A 228 17.87 3.37 10.44
N PRO A 229 17.87 3.01 9.16
CA PRO A 229 18.95 2.15 8.64
C PRO A 229 20.35 2.73 8.82
N TRP A 230 20.51 4.04 8.64
CA TRP A 230 21.84 4.63 8.65
C TRP A 230 22.60 4.30 9.93
N ALA A 231 21.89 4.11 11.04
CA ALA A 231 22.56 3.92 12.31
C ALA A 231 23.19 2.53 12.43
N TRP A 232 22.67 1.55 11.68
CA TRP A 232 23.01 0.16 11.96
C TRP A 232 24.52 -0.07 11.95
N SER A 233 25.24 0.58 11.03
CA SER A 233 26.68 0.35 10.96
C SER A 233 27.34 0.65 12.30
N ASN A 234 26.99 1.78 12.92
CA ASN A 234 27.55 2.12 14.22
C ASN A 234 27.25 1.03 15.25
N ILE A 235 26.04 0.46 15.19
CA ILE A 235 25.71 -0.66 16.05
C ILE A 235 26.60 -1.86 15.74
N ASP A 236 26.82 -2.12 14.45
CA ASP A 236 27.56 -3.32 14.06
C ASP A 236 28.97 -3.31 14.61
N THR A 237 29.65 -2.16 14.54
CA THR A 237 31.06 -2.11 14.94
C THR A 237 31.24 -2.15 16.45
N SER A 238 30.19 -1.87 17.23
CA SER A 238 30.28 -1.91 18.67
C SER A 238 30.15 -3.31 19.25
N LYS A 239 29.83 -4.30 18.42
CA LYS A 239 29.74 -5.69 18.86
C LYS A 239 28.74 -5.84 20.01
N VAL A 240 27.57 -5.24 19.83
CA VAL A 240 26.45 -5.38 20.75
C VAL A 240 25.35 -6.14 20.01
N ASN A 241 25.16 -7.41 20.37
CA ASN A 241 24.16 -8.23 19.70
C ASN A 241 22.82 -7.52 19.76
N TYR A 242 22.26 -7.23 18.58
CA TYR A 242 21.10 -6.35 18.46
C TYR A 242 20.05 -6.98 17.57
N GLY A 243 18.80 -6.66 17.86
CA GLY A 243 17.70 -7.02 16.99
C GLY A 243 16.89 -5.78 16.66
N VAL A 244 16.24 -5.82 15.51
CA VAL A 244 15.45 -4.69 15.02
C VAL A 244 14.05 -5.19 14.72
N THR A 245 13.04 -4.44 15.16
CA THR A 245 11.67 -4.90 15.09
C THR A 245 10.74 -3.72 14.85
N VAL A 246 9.48 -4.06 14.59
CA VAL A 246 8.46 -3.04 14.41
C VAL A 246 8.33 -2.21 15.68
N LEU A 247 8.01 -0.93 15.50
CA LEU A 247 7.82 -0.07 16.64
C LEU A 247 6.69 -0.61 17.50
N PRO A 248 6.77 -0.44 18.83
CA PRO A 248 5.70 -0.95 19.68
C PRO A 248 4.36 -0.32 19.31
N THR A 249 3.30 -1.12 19.40
CA THR A 249 1.96 -0.60 19.15
C THR A 249 1.52 0.27 20.31
N PHE A 250 0.85 1.37 20.00
CA PHE A 250 0.40 2.33 20.98
C PHE A 250 -1.12 2.30 21.07
N LYS A 251 -1.63 2.12 22.29
CA LYS A 251 -3.07 2.11 22.53
C LYS A 251 -3.78 1.14 21.59
N GLY A 252 -3.13 0.02 21.31
CA GLY A 252 -3.67 -0.98 20.41
C GLY A 252 -3.47 -0.68 18.94
N GLN A 253 -3.02 0.54 18.59
CA GLN A 253 -2.79 0.90 17.20
C GLN A 253 -1.29 0.88 16.90
N PRO A 254 -0.90 0.53 15.68
CA PRO A 254 0.52 0.57 15.34
C PRO A 254 1.03 2.00 15.26
N SER A 255 2.33 2.16 15.51
CA SER A 255 2.99 3.44 15.30
C SER A 255 3.35 3.58 13.83
N LYS A 256 2.97 4.69 13.22
CA LYS A 256 3.15 4.88 11.79
C LYS A 256 4.24 5.91 11.53
N PRO A 257 5.47 5.48 11.24
CA PRO A 257 6.52 6.45 10.91
C PRO A 257 6.25 7.13 9.59
N PHE A 258 6.74 8.36 9.46
CA PHE A 258 6.71 9.04 8.18
C PHE A 258 7.76 8.41 7.26
N VAL A 259 7.31 7.59 6.32
CA VAL A 259 8.25 6.92 5.42
C VAL A 259 8.93 8.00 4.57
N GLY A 260 10.26 7.95 4.52
CA GLY A 260 11.03 8.88 3.73
C GLY A 260 11.65 8.19 2.51
N VAL A 261 12.02 9.00 1.53
CA VAL A 261 12.67 8.52 0.33
C VAL A 261 13.89 9.41 0.10
N LEU A 262 15.06 8.93 0.50
CA LEU A 262 16.30 9.62 0.14
C LEU A 262 16.40 9.69 -1.37
N SER A 263 16.53 10.91 -1.88
CA SER A 263 16.54 11.20 -3.30
C SER A 263 17.58 12.29 -3.57
N ALA A 264 18.07 12.32 -4.81
CA ALA A 264 19.08 13.27 -5.24
C ALA A 264 18.48 14.21 -6.27
N GLY A 265 18.60 15.51 -6.02
CA GLY A 265 18.13 16.53 -6.93
C GLY A 265 19.30 17.30 -7.51
N ILE A 266 19.11 17.82 -8.72
CA ILE A 266 20.14 18.55 -9.45
C ILE A 266 19.86 20.03 -9.32
N ASN A 267 20.91 20.80 -8.98
CA ASN A 267 20.75 22.23 -8.75
C ASN A 267 20.32 22.95 -10.02
N ALA A 268 19.40 23.90 -9.87
CA ALA A 268 18.97 24.70 -11.02
C ALA A 268 20.09 25.59 -11.51
N ALA A 269 20.76 26.30 -10.60
CA ALA A 269 21.83 27.20 -10.99
C ALA A 269 23.05 26.48 -11.51
N SER A 270 23.12 25.16 -11.36
CA SER A 270 24.30 24.43 -11.80
C SER A 270 24.38 24.46 -13.32
N PRO A 271 25.46 24.98 -13.91
CA PRO A 271 25.65 24.79 -15.35
C PRO A 271 25.92 23.34 -15.73
N ASN A 272 26.33 22.51 -14.78
CA ASN A 272 26.68 21.11 -15.04
C ASN A 272 25.51 20.17 -14.75
N LYS A 273 24.34 20.45 -15.34
CA LYS A 273 23.18 19.60 -15.09
C LYS A 273 23.39 18.21 -15.67
N GLU A 274 23.82 18.14 -16.93
CA GLU A 274 24.07 16.84 -17.55
C GLU A 274 25.12 16.06 -16.79
N LEU A 275 26.12 16.74 -16.22
CA LEU A 275 27.11 16.04 -15.40
C LEU A 275 26.45 15.38 -14.20
N ALA A 276 25.57 16.11 -13.52
CA ALA A 276 24.85 15.53 -12.40
C ALA A 276 24.01 14.34 -12.83
N LYS A 277 23.33 14.47 -13.97
CA LYS A 277 22.53 13.36 -14.47
C LYS A 277 23.40 12.13 -14.71
N GLU A 278 24.55 12.31 -15.36
CA GLU A 278 25.44 11.18 -15.59
C GLU A 278 25.89 10.58 -14.26
N PHE A 279 26.16 11.42 -13.27
CA PHE A 279 26.61 10.92 -11.98
C PHE A 279 25.52 10.10 -11.29
N LEU A 280 24.27 10.52 -11.40
CA LEU A 280 23.19 9.83 -10.69
C LEU A 280 22.75 8.57 -11.43
N GLU A 281 22.24 8.72 -12.66
CA GLU A 281 21.70 7.58 -13.38
C GLU A 281 22.76 6.53 -13.65
N ASN A 282 23.78 6.90 -14.43
CA ASN A 282 24.76 5.90 -14.87
C ASN A 282 25.61 5.40 -13.72
N TYR A 283 25.96 6.28 -12.76
CA TYR A 283 26.96 5.96 -11.76
C TYR A 283 26.40 5.67 -10.38
N LEU A 284 25.55 6.53 -9.84
CA LEU A 284 25.09 6.33 -8.47
C LEU A 284 24.02 5.24 -8.38
N LEU A 285 22.88 5.44 -9.03
CA LEU A 285 21.74 4.54 -8.89
C LEU A 285 21.94 3.27 -9.72
N THR A 286 23.02 2.56 -9.40
CA THR A 286 23.31 1.25 -9.98
C THR A 286 23.52 0.26 -8.84
N ASP A 287 23.64 -1.01 -9.20
CA ASP A 287 23.80 -2.03 -8.17
C ASP A 287 25.05 -1.78 -7.34
N GLU A 288 26.19 -1.54 -8.01
CA GLU A 288 27.43 -1.33 -7.27
C GLU A 288 27.46 0.05 -6.61
N GLY A 289 26.95 1.06 -7.31
CA GLY A 289 26.95 2.40 -6.75
C GLY A 289 26.17 2.48 -5.46
N LEU A 290 24.99 1.86 -5.42
CA LEU A 290 24.21 1.83 -4.20
C LEU A 290 24.77 0.85 -3.18
N GLU A 291 25.34 -0.27 -3.65
CA GLU A 291 25.89 -1.25 -2.73
C GLU A 291 27.04 -0.65 -1.92
N ALA A 292 27.87 0.18 -2.55
CA ALA A 292 28.98 0.78 -1.82
C ALA A 292 28.49 1.70 -0.71
N VAL A 293 27.58 2.63 -1.04
CA VAL A 293 27.08 3.56 -0.04
C VAL A 293 26.30 2.82 1.03
N ASN A 294 25.70 1.68 0.70
CA ASN A 294 25.01 0.89 1.71
C ASN A 294 26.00 0.22 2.64
N LYS A 295 27.07 -0.37 2.08
CA LYS A 295 28.07 -1.02 2.93
C LYS A 295 28.72 -0.02 3.86
N ASP A 296 28.93 1.21 3.39
CA ASP A 296 29.43 2.25 4.29
C ASP A 296 28.43 2.52 5.41
N LYS A 297 27.24 3.00 5.04
CA LYS A 297 26.15 3.23 5.99
C LYS A 297 24.86 2.75 5.36
N PRO A 298 24.28 1.65 5.82
CA PRO A 298 23.05 1.14 5.17
C PRO A 298 21.99 2.20 5.00
N LEU A 299 21.65 2.51 3.74
CA LEU A 299 20.62 3.52 3.47
C LEU A 299 19.25 3.05 3.94
N GLY A 300 18.96 1.77 3.77
CA GLY A 300 17.64 1.24 4.05
C GLY A 300 17.14 0.38 2.92
N ALA A 301 15.85 0.53 2.58
CA ALA A 301 15.28 -0.20 1.45
C ALA A 301 15.58 0.58 0.17
N VAL A 302 16.46 0.01 -0.66
CA VAL A 302 16.91 0.70 -1.86
C VAL A 302 15.74 0.86 -2.84
N ALA A 303 15.79 1.95 -3.62
CA ALA A 303 14.75 2.18 -4.61
C ALA A 303 14.89 1.23 -5.79
N LEU A 304 16.12 0.91 -6.18
CA LEU A 304 16.33 0.01 -7.31
C LEU A 304 15.63 -1.32 -7.07
N LYS A 305 14.94 -1.81 -8.10
CA LYS A 305 14.29 -3.10 -7.99
C LYS A 305 15.28 -4.25 -8.09
N SER A 306 16.30 -4.11 -8.93
CA SER A 306 17.25 -5.20 -9.13
C SER A 306 17.97 -5.56 -7.84
N TYR A 307 18.41 -4.55 -7.09
CA TYR A 307 19.14 -4.78 -5.86
C TYR A 307 18.26 -5.30 -4.74
N GLU A 308 16.93 -5.20 -4.87
CA GLU A 308 16.05 -5.56 -3.77
C GLU A 308 16.23 -7.01 -3.35
N GLU A 309 16.63 -7.89 -4.26
CA GLU A 309 16.90 -9.26 -3.88
C GLU A 309 17.97 -9.32 -2.80
N GLU A 310 19.09 -8.63 -3.03
CA GLU A 310 20.12 -8.53 -1.99
C GLU A 310 19.58 -7.80 -0.77
N LEU A 311 18.61 -6.91 -0.97
CA LEU A 311 17.97 -6.22 0.15
C LEU A 311 17.11 -7.16 0.97
N ALA A 312 16.84 -8.37 0.48
CA ALA A 312 15.94 -9.29 1.16
C ALA A 312 16.66 -10.22 2.12
N LYS A 313 17.95 -10.48 1.91
CA LYS A 313 18.68 -11.38 2.79
C LYS A 313 18.78 -10.83 4.21
N ASP A 314 18.53 -9.54 4.39
CA ASP A 314 18.72 -8.89 5.68
C ASP A 314 17.39 -8.64 6.35
N PRO A 315 17.10 -9.24 7.51
CA PRO A 315 15.78 -9.01 8.15
C PRO A 315 15.57 -7.58 8.59
N ARG A 316 16.63 -6.80 8.77
CA ARG A 316 16.47 -5.43 9.27
C ARG A 316 15.66 -4.59 8.28
N ILE A 317 15.90 -4.77 6.99
CA ILE A 317 15.13 -4.04 5.99
C ILE A 317 13.66 -4.44 6.08
N ALA A 318 13.40 -5.74 6.25
CA ALA A 318 12.03 -6.21 6.37
C ALA A 318 11.34 -5.52 7.54
N ALA A 319 12.01 -5.45 8.70
CA ALA A 319 11.40 -4.77 9.84
C ALA A 319 11.19 -3.29 9.56
N THR A 320 12.18 -2.65 8.92
CA THR A 320 12.09 -1.21 8.69
C THR A 320 10.88 -0.86 7.84
N MET A 321 10.75 -1.49 6.67
CA MET A 321 9.60 -1.12 5.88
C MET A 321 8.37 -1.92 6.23
N GLU A 322 8.43 -2.81 7.22
CA GLU A 322 7.22 -3.19 7.93
C GLU A 322 6.68 -2.01 8.73
N ASN A 323 7.55 -1.36 9.50
CA ASN A 323 7.16 -0.11 10.14
C ASN A 323 6.62 0.87 9.11
N ALA A 324 7.27 0.93 7.94
CA ALA A 324 6.79 1.80 6.87
C ALA A 324 5.39 1.39 6.43
N GLN A 325 5.18 0.09 6.19
CA GLN A 325 3.86 -0.42 5.82
C GLN A 325 2.82 -0.02 6.84
N LYS A 326 3.22 0.11 8.11
CA LYS A 326 2.32 0.69 9.09
C LYS A 326 2.17 2.19 8.89
N GLY A 327 3.16 2.83 8.27
CA GLY A 327 3.15 4.26 8.07
C GLY A 327 2.87 4.67 6.64
N GLU A 328 3.08 5.96 6.38
CA GLU A 328 2.75 6.57 5.11
C GLU A 328 3.93 7.38 4.59
N ILE A 329 3.92 7.61 3.28
CA ILE A 329 5.00 8.35 2.63
C ILE A 329 4.88 9.82 2.94
N MET A 330 6.02 10.46 3.20
CA MET A 330 6.02 11.89 3.50
C MET A 330 5.52 12.67 2.28
N PRO A 331 4.56 13.57 2.45
CA PRO A 331 4.17 14.43 1.32
C PRO A 331 5.28 15.40 0.97
N ASN A 332 5.39 15.71 -0.32
CA ASN A 332 6.42 16.61 -0.81
C ASN A 332 5.94 18.06 -0.87
N ILE A 333 4.73 18.35 -0.42
CA ILE A 333 4.23 19.72 -0.51
C ILE A 333 5.20 20.65 0.22
N PRO A 334 5.50 21.84 -0.30
CA PRO A 334 6.52 22.68 0.35
C PRO A 334 6.22 22.96 1.81
N GLN A 335 4.95 23.15 2.16
CA GLN A 335 4.59 23.41 3.55
C GLN A 335 5.29 22.44 4.49
N MET A 336 5.52 21.21 4.04
CA MET A 336 6.09 20.19 4.91
C MET A 336 7.34 20.70 5.60
N SER A 337 8.21 21.39 4.87
CA SER A 337 9.40 21.96 5.50
C SER A 337 9.02 22.68 6.78
N ALA A 338 8.22 23.75 6.64
CA ALA A 338 7.78 24.49 7.81
C ALA A 338 7.15 23.55 8.83
N PHE A 339 6.30 22.65 8.36
CA PHE A 339 5.63 21.72 9.26
C PHE A 339 6.63 21.04 10.16
N TRP A 340 7.71 20.49 9.58
CA TRP A 340 8.69 19.81 10.41
C TRP A 340 9.19 20.75 11.49
N TYR A 341 9.62 21.94 11.10
CA TYR A 341 10.06 22.91 12.10
C TYR A 341 9.00 23.05 13.18
N ALA A 342 7.75 23.26 12.77
CA ALA A 342 6.66 23.34 13.73
C ALA A 342 6.77 22.22 14.76
N VAL A 343 6.64 20.97 14.29
CA VAL A 343 6.60 19.87 15.24
C VAL A 343 7.88 19.85 16.07
N ARG A 344 9.02 20.12 15.43
CA ARG A 344 10.28 20.15 16.17
C ARG A 344 10.10 20.95 17.44
N THR A 345 9.67 22.20 17.31
CA THR A 345 9.53 23.04 18.50
C THR A 345 8.67 22.34 19.54
N ALA A 346 7.48 21.91 19.14
CA ALA A 346 6.59 21.27 20.09
C ALA A 346 7.28 20.08 20.75
N VAL A 347 7.95 19.25 19.95
CA VAL A 347 8.59 18.07 20.50
C VAL A 347 9.52 18.46 21.64
N ILE A 348 10.32 19.51 21.42
CA ILE A 348 11.20 19.98 22.48
C ILE A 348 10.39 20.63 23.59
N ASN A 349 9.43 21.48 23.22
CA ASN A 349 8.76 22.32 24.21
C ASN A 349 8.07 21.48 25.26
N ALA A 350 7.39 20.40 24.84
CA ALA A 350 6.77 19.51 25.80
C ALA A 350 7.83 18.63 26.48
N ALA A 351 8.84 18.19 25.73
CA ALA A 351 9.82 17.28 26.31
C ALA A 351 10.58 17.93 27.46
N SER A 352 11.00 19.18 27.28
CA SER A 352 11.67 19.90 28.35
C SER A 352 10.70 20.30 29.46
N GLY A 353 9.40 20.23 29.22
CA GLY A 353 8.41 20.65 30.20
C GLY A 353 8.11 22.14 30.19
N ARG A 354 8.68 22.90 29.25
CA ARG A 354 8.41 24.33 29.22
C ARG A 354 6.95 24.61 28.93
N GLN A 355 6.35 23.85 28.00
CA GLN A 355 4.97 24.04 27.59
C GLN A 355 4.20 22.75 27.77
N THR A 356 2.92 22.89 28.14
CA THR A 356 2.07 21.72 28.29
C THR A 356 1.87 21.04 26.94
N VAL A 357 1.58 19.73 26.98
CA VAL A 357 1.45 18.95 25.76
C VAL A 357 0.51 19.64 24.78
N ASP A 358 -0.75 19.84 25.19
CA ASP A 358 -1.70 20.48 24.30
C ASP A 358 -1.21 21.84 23.84
N GLU A 359 -0.52 22.57 24.73
CA GLU A 359 0.02 23.87 24.37
C GLU A 359 1.03 23.73 23.23
N ALA A 360 1.94 22.77 23.34
CA ALA A 360 2.95 22.58 22.31
C ALA A 360 2.31 22.18 20.98
N LEU A 361 1.34 21.26 21.03
CA LEU A 361 0.70 20.84 19.79
C LEU A 361 -0.05 21.98 19.14
N LYS A 362 -0.75 22.79 19.95
CA LYS A 362 -1.46 23.94 19.40
C LYS A 362 -0.50 24.94 18.77
N ASP A 363 0.64 25.18 19.42
CA ASP A 363 1.62 26.08 18.83
C ASP A 363 2.13 25.54 17.51
N ALA A 364 2.42 24.24 17.45
CA ALA A 364 2.92 23.65 16.21
C ALA A 364 1.88 23.68 15.11
N GLN A 365 0.59 23.58 15.47
CA GLN A 365 -0.44 23.62 14.44
C GLN A 365 -0.66 25.05 13.94
N THR A 366 -0.45 26.05 14.81
CA THR A 366 -0.58 27.47 14.40
C THR A 366 0.61 27.81 13.53
N ILE A 367 1.75 27.14 13.72
CA ILE A 367 2.97 27.37 12.89
C ILE A 367 2.66 26.96 11.45
N ILE A 368 1.79 25.97 11.25
CA ILE A 368 1.48 25.49 9.88
C ILE A 368 0.64 26.58 9.18
N GLU A 369 -0.27 27.21 9.92
CA GLU A 369 -1.18 28.21 9.29
C GLU A 369 -0.62 29.62 9.47
N LEU A 370 0.56 29.79 10.08
CA LEU A 370 1.21 31.12 10.22
C LEU A 370 2.26 31.23 9.11
N TYR A 371 3.18 30.28 8.96
CA TYR A 371 4.27 30.24 8.01
C TYR A 371 3.76 30.35 6.57
N ARG A 372 2.83 29.48 6.18
CA ARG A 372 2.38 29.49 4.79
C ARG A 372 1.57 30.73 4.50
N GLN A 373 0.75 31.17 5.46
CA GLN A 373 -0.02 32.39 5.26
C GLN A 373 0.91 33.58 4.99
N SER A 374 1.94 33.74 5.82
CA SER A 374 2.86 34.86 5.63
C SER A 374 3.63 34.73 4.32
N LEU A 375 4.10 33.52 4.00
CA LEU A 375 4.85 33.36 2.76
C LEU A 375 3.98 33.72 1.56
N GLU A 376 2.72 33.29 1.56
CA GLU A 376 1.81 33.64 0.48
C GLU A 376 1.56 35.14 0.43
N ILE A 377 1.39 35.77 1.59
CA ILE A 377 1.14 37.21 1.61
C ILE A 377 2.31 37.98 1.03
N ILE A 378 3.53 37.64 1.44
CA ILE A 378 4.70 38.29 0.88
C ILE A 378 4.79 38.01 -0.62
N SER A 379 4.55 36.76 -1.02
CA SER A 379 4.42 36.46 -2.43
C SER A 379 3.20 37.16 -3.01
N ARG A 380 3.25 37.41 -4.32
CA ARG A 380 2.20 38.11 -5.06
C ARG A 380 2.14 39.59 -4.70
N TYR A 381 2.94 40.04 -3.73
CA TYR A 381 3.04 41.46 -3.42
C TYR A 381 4.43 41.96 -3.81
N LEU A 382 5.46 41.30 -3.29
CA LEU A 382 6.82 41.62 -3.70
C LEU A 382 6.98 41.51 -5.21
N ARG A 383 6.50 40.41 -5.80
CA ARG A 383 6.48 40.29 -7.25
C ARG A 383 5.56 41.32 -7.90
N GLU A 384 4.38 41.56 -7.30
CA GLU A 384 3.48 42.57 -7.85
C GLU A 384 4.11 43.95 -7.80
N GLN A 385 4.76 44.29 -6.68
CA GLN A 385 5.41 45.59 -6.57
C GLN A 385 6.56 45.73 -7.56
N ALA A 386 7.30 44.65 -7.79
CA ALA A 386 8.42 44.70 -8.72
C ALA A 386 7.94 44.82 -10.17
N THR A 387 7.19 43.82 -10.64
CA THR A 387 6.70 43.84 -12.01
C THR A 387 5.66 44.92 -12.22
N GLY A 388 4.82 45.18 -11.21
CA GLY A 388 3.79 46.19 -11.30
C GLY A 388 2.43 45.69 -11.75
N ALA A 389 2.32 44.43 -12.18
CA ALA A 389 1.06 43.84 -12.59
C ALA A 389 0.64 42.82 -11.55
N ALA A 390 -0.54 43.03 -10.96
CA ALA A 390 -1.03 42.13 -9.92
C ALA A 390 -1.21 40.73 -10.48
N ASP A 391 -0.71 39.74 -9.75
CA ASP A 391 -0.88 38.35 -10.14
C ASP A 391 -2.32 37.91 -9.84
N THR A 392 -2.94 37.28 -10.83
CA THR A 392 -4.36 36.94 -10.74
C THR A 392 -4.61 35.55 -10.15
N ALA A 393 -3.57 34.84 -9.72
CA ALA A 393 -3.76 33.52 -9.17
C ALA A 393 -4.57 33.60 -7.88
N PRO A 394 -5.36 32.58 -7.56
CA PRO A 394 -6.20 32.64 -6.36
C PRO A 394 -5.36 32.69 -5.10
N MET A 395 -5.91 33.33 -4.07
CA MET A 395 -5.23 33.43 -2.78
C MET A 395 -5.22 32.06 -2.09
N GLY A 399 -7.03 32.67 1.20
CA GLY A 399 -8.46 32.80 1.44
C GLY A 399 -8.90 34.23 1.69
N ALA A 400 -9.99 34.40 2.43
CA ALA A 400 -10.50 35.74 2.71
C ALA A 400 -9.48 36.56 3.49
N THR A 401 -8.90 35.97 4.54
CA THR A 401 -7.86 36.67 5.28
C THR A 401 -6.68 37.01 4.38
N SER A 402 -6.35 36.10 3.45
CA SER A 402 -5.26 36.37 2.53
C SER A 402 -5.55 37.59 1.67
N ARG A 403 -6.78 37.69 1.14
CA ARG A 403 -7.13 38.84 0.32
C ARG A 403 -7.14 40.13 1.13
N LYS A 404 -7.68 40.09 2.35
CA LYS A 404 -7.68 41.29 3.19
C LYS A 404 -6.25 41.74 3.48
N ALA A 405 -5.37 40.79 3.81
CA ALA A 405 -3.98 41.14 4.07
C ALA A 405 -3.33 41.70 2.82
N LEU A 406 -3.58 41.11 1.65
CA LEU A 406 -3.01 41.64 0.43
C LEU A 406 -3.42 43.10 0.23
N GLU A 407 -4.72 43.39 0.36
CA GLU A 407 -5.19 44.74 0.11
C GLU A 407 -4.62 45.73 1.12
N THR A 408 -4.69 45.39 2.41
CA THR A 408 -4.20 46.30 3.44
C THR A 408 -2.69 46.53 3.28
N LEU A 409 -1.95 45.47 2.99
CA LEU A 409 -0.52 45.59 2.76
C LEU A 409 -0.27 46.52 1.57
N ARG A 410 -1.00 46.32 0.48
CA ARG A 410 -0.87 47.21 -0.66
C ARG A 410 -0.99 48.67 -0.23
N ARG A 411 -2.15 49.02 0.35
CA ARG A 411 -2.39 50.43 0.63
C ARG A 411 -1.34 50.98 1.59
N VAL A 412 -1.14 50.33 2.74
CA VAL A 412 -0.27 50.88 3.77
C VAL A 412 1.18 50.93 3.28
N GLY A 413 1.64 49.85 2.66
CA GLY A 413 3.03 49.80 2.21
C GLY A 413 3.31 50.82 1.13
N ASP A 414 2.39 50.97 0.17
CA ASP A 414 2.58 51.99 -0.86
C ASP A 414 2.58 53.38 -0.23
N GLY A 415 1.70 53.62 0.74
CA GLY A 415 1.69 54.91 1.40
C GLY A 415 3.00 55.24 2.08
N VAL A 416 3.54 54.29 2.84
CA VAL A 416 4.80 54.54 3.54
C VAL A 416 5.95 54.65 2.55
N GLN A 417 5.93 53.86 1.48
CA GLN A 417 6.95 54.02 0.44
C GLN A 417 6.93 55.44 -0.11
N ARG A 418 5.74 55.95 -0.44
CA ARG A 418 5.63 57.30 -0.96
C ARG A 418 6.15 58.30 0.07
N ASN A 419 5.78 58.12 1.33
CA ASN A 419 6.17 59.07 2.37
C ASN A 419 7.68 59.12 2.51
N HIS A 420 8.34 57.96 2.52
CA HIS A 420 9.78 57.93 2.78
C HIS A 420 10.58 58.22 1.51
N GLU A 421 10.49 57.33 0.53
CA GLU A 421 11.20 57.53 -0.74
C GLU A 421 12.70 57.70 -0.54
N THR A 422 13.12 58.89 -0.10
CA THR A 422 14.55 59.21 -0.08
C THR A 422 15.30 58.33 0.92
N ALA A 423 14.69 58.05 2.08
CA ALA A 423 15.35 57.20 3.06
C ALA A 423 15.60 55.81 2.48
N PHE A 424 14.58 55.23 1.85
CA PHE A 424 14.73 53.91 1.26
C PHE A 424 15.78 53.92 0.16
N GLN A 425 15.78 54.97 -0.68
CA GLN A 425 16.77 55.05 -1.74
C GLN A 425 18.19 55.11 -1.18
N GLY A 426 18.41 56.01 -0.22
CA GLY A 426 19.73 56.14 0.36
C GLY A 426 20.19 54.87 1.05
N MET A 427 19.28 54.19 1.73
CA MET A 427 19.67 52.96 2.41
C MET A 427 19.97 51.85 1.41
N LEU A 428 19.22 51.78 0.32
CA LEU A 428 19.54 50.82 -0.73
C LEU A 428 20.93 51.10 -1.30
N ARG A 429 21.26 52.37 -1.52
CA ARG A 429 22.61 52.70 -1.95
C ARG A 429 23.65 52.27 -0.92
N LYS A 430 23.36 52.52 0.36
CA LYS A 430 24.33 52.22 1.41
C LYS A 430 24.53 50.72 1.56
N LEU A 431 23.53 49.90 1.22
CA LEU A 431 23.69 48.46 1.28
C LEU A 431 24.54 47.91 0.15
N ASP A 432 24.53 48.59 -1.01
CA ASP A 432 25.28 48.14 -2.18
C ASP A 432 24.81 46.76 -2.64
N ILE A 433 23.50 46.66 -2.88
CA ILE A 433 22.89 45.42 -3.36
C ILE A 433 23.08 45.39 -4.88
N LYS A 434 23.98 44.54 -5.36
CA LYS A 434 24.23 44.38 -6.78
C LYS A 434 24.09 42.94 -7.26
N ASN A 435 24.38 41.96 -6.42
CA ASN A 435 24.29 40.55 -6.76
C ASN A 435 23.33 39.85 -5.79
N GLU A 436 23.07 38.56 -6.07
CA GLU A 436 22.17 37.79 -5.22
C GLU A 436 22.76 37.60 -3.83
N ASP A 437 24.08 37.58 -3.71
CA ASP A 437 24.69 37.43 -2.39
C ASP A 437 24.29 38.58 -1.46
N ASP A 438 24.11 39.78 -2.02
CA ASP A 438 23.69 40.91 -1.19
C ASP A 438 22.30 40.69 -0.61
N VAL A 439 21.35 40.25 -1.44
CA VAL A 439 20.01 40.00 -0.91
C VAL A 439 20.04 38.82 0.05
N LYS A 440 20.93 37.86 -0.17
CA LYS A 440 21.09 36.77 0.79
C LYS A 440 21.55 37.29 2.15
N SER A 441 22.57 38.16 2.14
CA SER A 441 23.06 38.75 3.37
C SER A 441 22.07 39.73 3.99
N LEU A 442 21.06 40.15 3.22
CA LEU A 442 20.00 41.01 3.75
C LEU A 442 19.41 40.46 5.04
N SER A 443 19.61 39.17 5.33
CA SER A 443 19.16 38.61 6.60
C SER A 443 19.77 39.35 7.78
N ARG A 444 20.96 39.93 7.61
CA ARG A 444 21.58 40.63 8.73
C ARG A 444 20.79 41.88 9.10
N VAL A 445 20.43 42.70 8.11
CA VAL A 445 19.55 43.84 8.43
C VAL A 445 18.20 43.34 8.92
N MET A 446 17.72 42.22 8.37
CA MET A 446 16.47 41.63 8.86
C MET A 446 16.52 41.43 10.36
N ILE A 447 17.60 40.84 10.86
CA ILE A 447 17.69 40.59 12.31
C ILE A 447 17.92 41.91 13.06
N HIS A 448 18.77 42.79 12.53
CA HIS A 448 19.00 44.06 13.22
C HIS A 448 17.73 44.89 13.33
N VAL A 449 16.81 44.74 12.38
CA VAL A 449 15.60 45.56 12.40
C VAL A 449 14.83 45.36 13.70
N PHE A 450 14.71 44.12 14.15
CA PHE A 450 13.96 43.80 15.36
C PHE A 450 14.85 43.67 16.59
N SER A 451 16.16 43.88 16.45
CA SER A 451 17.08 43.67 17.57
C SER A 451 17.00 44.77 18.62
N ASP A 452 16.29 45.86 18.36
CA ASP A 452 16.26 46.98 19.30
C ASP A 452 15.52 46.65 20.59
N GLY A 453 14.80 45.53 20.66
CA GLY A 453 14.16 45.12 21.89
C GLY A 453 12.69 45.48 22.01
N VAL A 454 12.13 46.17 21.02
CA VAL A 454 10.71 46.52 21.03
C VAL A 454 10.10 46.05 19.71
N THR A 455 8.78 45.86 19.73
CA THR A 455 8.07 45.31 18.59
C THR A 455 6.81 46.13 18.34
N ASN A 456 6.44 46.25 17.06
CA ASN A 456 5.24 46.98 16.66
C ASN A 456 4.88 46.60 15.23
N TRP A 457 3.60 46.75 14.90
CA TRP A 457 3.16 46.47 13.54
C TRP A 457 3.80 47.43 12.55
N GLY A 458 4.03 48.67 12.97
CA GLY A 458 4.64 49.64 12.08
C GLY A 458 6.02 49.20 11.60
N ARG A 459 6.81 48.62 12.51
CA ARG A 459 8.15 48.18 12.13
C ARG A 459 8.08 47.16 11.00
N ILE A 460 7.26 46.12 11.17
CA ILE A 460 7.21 45.06 10.17
C ILE A 460 6.58 45.55 8.86
N VAL A 461 5.57 46.41 8.93
CA VAL A 461 4.96 46.89 7.70
C VAL A 461 5.96 47.76 6.93
N THR A 462 6.70 48.63 7.63
CA THR A 462 7.76 49.37 6.97
C THR A 462 8.82 48.43 6.40
N LEU A 463 9.09 47.33 7.10
CA LEU A 463 10.04 46.35 6.57
C LEU A 463 9.55 45.76 5.26
N ILE A 464 8.26 45.40 5.19
CA ILE A 464 7.72 44.85 3.95
C ILE A 464 7.77 45.89 2.85
N SER A 465 7.53 47.16 3.19
CA SER A 465 7.63 48.23 2.19
C SER A 465 9.05 48.33 1.64
N PHE A 466 10.04 48.28 2.53
CA PHE A 466 11.42 48.32 2.09
C PHE A 466 11.75 47.11 1.22
N GLY A 467 11.19 45.95 1.57
CA GLY A 467 11.38 44.77 0.73
C GLY A 467 10.79 44.94 -0.65
N ALA A 468 9.61 45.55 -0.74
CA ALA A 468 9.02 45.83 -2.04
C ALA A 468 9.88 46.79 -2.85
N PHE A 469 10.41 47.82 -2.19
CA PHE A 469 11.31 48.74 -2.88
C PHE A 469 12.56 48.02 -3.37
N VAL A 470 13.11 47.13 -2.54
CA VAL A 470 14.30 46.37 -2.94
C VAL A 470 13.98 45.47 -4.12
N ALA A 471 12.79 44.87 -4.13
CA ALA A 471 12.41 44.03 -5.27
C ALA A 471 12.27 44.86 -6.54
N LYS A 472 11.67 46.04 -6.43
CA LYS A 472 11.58 46.93 -7.59
C LYS A 472 12.96 47.23 -8.15
N HIS A 473 13.89 47.60 -7.26
CA HIS A 473 15.22 47.95 -7.73
C HIS A 473 15.98 46.74 -8.24
N LEU A 474 15.73 45.56 -7.68
CA LEU A 474 16.32 44.33 -8.21
C LEU A 474 15.83 44.10 -9.64
N LYS A 475 14.55 44.37 -9.89
CA LYS A 475 14.05 44.32 -11.26
C LYS A 475 14.76 45.34 -12.13
N THR A 476 14.98 46.55 -11.61
CA THR A 476 15.68 47.56 -12.39
C THR A 476 17.12 47.12 -12.69
N ILE A 477 17.79 46.52 -11.70
CA ILE A 477 19.16 46.02 -11.90
C ILE A 477 19.09 44.57 -12.35
N ASN A 478 17.89 44.11 -12.70
CA ASN A 478 17.64 42.87 -13.44
C ASN A 478 17.95 41.60 -12.65
N GLN A 479 18.13 41.70 -11.33
CA GLN A 479 18.30 40.47 -10.54
C GLN A 479 17.05 39.59 -10.65
N GLU A 480 15.87 40.19 -10.50
CA GLU A 480 14.61 39.50 -10.70
C GLU A 480 14.53 38.22 -9.87
N SER A 481 15.39 37.25 -10.16
CA SER A 481 15.41 36.02 -9.38
C SER A 481 15.63 36.31 -7.90
N ALA A 482 16.32 37.39 -7.57
CA ALA A 482 16.51 37.79 -6.18
C ALA A 482 15.21 38.13 -5.49
N ILE A 483 14.13 38.34 -6.25
CA ILE A 483 12.82 38.52 -5.65
C ILE A 483 12.39 37.25 -4.92
N GLU A 484 12.80 36.08 -5.42
CA GLU A 484 12.36 34.82 -4.81
C GLU A 484 12.84 34.67 -3.37
N PRO A 485 14.14 34.67 -3.07
CA PRO A 485 14.56 34.30 -1.72
C PRO A 485 14.32 35.39 -0.70
N LEU A 486 14.43 36.66 -1.11
CA LEU A 486 14.21 37.76 -0.17
C LEU A 486 12.89 37.60 0.56
N ALA A 487 11.81 37.36 -0.20
CA ALA A 487 10.53 37.11 0.44
C ALA A 487 10.64 35.99 1.46
N GLU A 488 11.18 34.85 1.04
CA GLU A 488 11.40 33.75 1.98
C GLU A 488 12.25 34.20 3.15
N SER A 489 13.28 35.01 2.89
CA SER A 489 14.13 35.49 3.97
C SER A 489 13.30 36.17 5.04
N ILE A 490 12.28 36.93 4.65
CA ILE A 490 11.39 37.54 5.64
C ILE A 490 10.64 36.45 6.40
N THR A 491 10.01 35.53 5.66
CA THR A 491 9.15 34.54 6.30
C THR A 491 9.87 33.86 7.45
N ASP A 492 11.08 33.35 7.19
CA ASP A 492 11.83 32.65 8.23
C ASP A 492 11.96 33.52 9.47
N VAL A 493 12.45 34.76 9.31
CA VAL A 493 12.68 35.59 10.48
C VAL A 493 11.37 35.93 11.18
N LEU A 494 10.25 35.88 10.44
CA LEU A 494 8.96 36.08 11.08
C LEU A 494 8.54 34.85 11.89
N VAL A 495 8.80 33.66 11.37
CA VAL A 495 8.41 32.44 12.10
C VAL A 495 9.48 32.03 13.11
N ARG A 496 10.73 32.42 12.90
CA ARG A 496 11.82 32.03 13.78
C ARG A 496 11.93 32.90 15.02
N THR A 497 11.76 34.21 14.86
CA THR A 497 11.97 35.16 15.95
C THR A 497 10.72 35.90 16.38
N LYS A 498 9.64 35.83 15.61
CA LYS A 498 8.42 36.58 15.90
C LYS A 498 7.19 35.70 15.99
N ARG A 499 7.35 34.37 15.99
CA ARG A 499 6.19 33.48 16.06
C ARG A 499 5.31 33.85 17.24
N ASP A 500 5.91 34.13 18.40
CA ASP A 500 5.12 34.40 19.59
C ASP A 500 4.21 35.60 19.39
N TRP A 501 4.73 36.69 18.82
CA TRP A 501 3.90 37.86 18.61
C TRP A 501 2.84 37.60 17.55
N LEU A 502 3.21 36.91 16.47
CA LEU A 502 2.24 36.63 15.41
C LEU A 502 1.07 35.83 15.93
N VAL A 503 1.34 34.78 16.72
CA VAL A 503 0.25 34.03 17.31
C VAL A 503 -0.50 34.87 18.33
N LYS A 504 0.21 35.73 19.07
CA LYS A 504 -0.44 36.58 20.06
C LYS A 504 -1.43 37.52 19.41
N GLN A 505 -1.09 38.07 18.25
CA GLN A 505 -1.93 39.04 17.55
C GLN A 505 -2.84 38.37 16.53
N ARG A 506 -3.22 37.11 16.76
CA ARG A 506 -4.14 36.39 15.88
C ARG A 506 -3.60 36.29 14.47
N GLY A 507 -2.28 36.16 14.33
CA GLY A 507 -1.71 36.06 13.00
C GLY A 507 -1.97 37.31 12.18
N TRP A 508 -2.18 37.10 10.88
CA TRP A 508 -2.40 38.22 9.98
C TRP A 508 -3.75 38.90 10.21
N ASP A 509 -4.67 38.26 10.93
CA ASP A 509 -5.94 38.89 11.23
C ASP A 509 -5.73 40.17 12.05
N GLY A 510 -4.91 40.08 13.10
CA GLY A 510 -4.57 41.27 13.87
C GLY A 510 -3.82 42.28 13.04
N PHE A 511 -2.99 41.81 12.11
CA PHE A 511 -2.29 42.73 11.22
C PHE A 511 -3.26 43.57 10.41
N VAL A 512 -4.26 42.92 9.81
CA VAL A 512 -5.23 43.66 8.99
C VAL A 512 -6.09 44.56 9.87
N GLU A 513 -6.46 44.07 11.06
CA GLU A 513 -7.26 44.89 11.95
C GLU A 513 -6.53 46.16 12.37
N PHE A 514 -5.23 46.02 12.70
CA PHE A 514 -4.45 47.17 13.11
C PHE A 514 -4.23 48.16 11.97
N PHE A 515 -4.36 47.72 10.73
CA PHE A 515 -4.20 48.59 9.58
C PHE A 515 -5.53 48.75 8.84
N SER B 1 28.98 50.40 14.72
CA SER B 1 28.97 50.63 13.28
C SER B 1 27.82 51.55 12.89
N THR B 2 28.03 52.36 11.85
CA THR B 2 26.97 53.23 11.37
C THR B 2 25.74 52.44 10.93
N MET B 3 25.93 51.18 10.52
CA MET B 3 24.81 50.36 10.08
C MET B 3 23.89 50.03 11.26
N GLY B 4 24.47 49.82 12.44
CA GLY B 4 23.66 49.71 13.64
C GLY B 4 22.82 50.96 13.85
N GLN B 5 23.39 52.12 13.54
CA GLN B 5 22.64 53.37 13.68
C GLN B 5 21.52 53.47 12.64
N VAL B 6 21.74 52.98 11.42
CA VAL B 6 20.65 53.02 10.44
C VAL B 6 19.54 52.07 10.86
N GLY B 7 19.89 50.92 11.44
CA GLY B 7 18.86 50.07 12.02
C GLY B 7 18.12 50.75 13.15
N ARG B 8 18.85 51.47 14.00
CA ARG B 8 18.21 52.20 15.09
C ARG B 8 17.24 53.24 14.55
N GLN B 9 17.61 53.92 13.47
CA GLN B 9 16.72 54.92 12.90
C GLN B 9 15.55 54.27 12.17
N LEU B 10 15.75 53.08 11.61
CA LEU B 10 14.61 52.27 11.18
C LEU B 10 13.62 52.10 12.32
N ALA B 11 14.12 51.69 13.49
CA ALA B 11 13.26 51.51 14.64
C ALA B 11 12.55 52.82 14.99
N ILE B 12 13.30 53.93 14.99
CA ILE B 12 12.73 55.21 15.39
C ILE B 12 11.61 55.62 14.44
N ILE B 13 11.85 55.51 13.13
CA ILE B 13 10.86 55.96 12.17
C ILE B 13 9.64 55.03 12.20
N GLY B 14 9.86 53.74 12.38
CA GLY B 14 8.72 52.84 12.53
C GLY B 14 7.87 53.19 13.73
N ASP B 15 8.51 53.45 14.87
CA ASP B 15 7.76 53.83 16.06
C ASP B 15 7.00 55.13 15.83
N ASP B 16 7.65 56.11 15.20
CA ASP B 16 6.99 57.40 14.97
C ASP B 16 5.79 57.25 14.05
N ILE B 17 5.97 56.56 12.92
CA ILE B 17 4.87 56.42 11.97
C ILE B 17 3.75 55.58 12.57
N ASN B 18 4.07 54.68 13.50
CA ASN B 18 3.01 53.98 14.23
C ASN B 18 2.29 54.93 15.18
N ARG B 19 3.02 55.84 15.82
CA ARG B 19 2.40 56.76 16.77
C ARG B 19 1.34 57.62 16.09
N ARG B 20 1.65 58.14 14.91
CA ARG B 20 0.70 58.99 14.18
C ARG B 20 -0.31 58.18 13.38
N TYR B 21 -0.19 56.85 13.37
CA TYR B 21 -1.13 56.00 12.65
C TYR B 21 -1.77 54.99 13.61
N GLU C 1 -24.22 2.53 0.73
CA GLU C 1 -22.81 2.20 0.92
C GLU C 1 -22.11 2.12 -0.43
N VAL C 2 -21.07 1.29 -0.51
CA VAL C 2 -20.29 1.12 -1.72
C VAL C 2 -20.75 -0.15 -2.42
N GLN C 3 -21.33 0.01 -3.60
CA GLN C 3 -21.77 -1.12 -4.42
C GLN C 3 -21.20 -0.97 -5.81
N LEU C 4 -20.45 -1.96 -6.26
CA LEU C 4 -19.84 -1.92 -7.58
C LEU C 4 -20.21 -3.18 -8.33
N VAL C 5 -20.83 -3.02 -9.50
CA VAL C 5 -21.33 -4.11 -10.31
C VAL C 5 -20.73 -3.98 -11.70
N GLU C 6 -20.24 -5.08 -12.25
CA GLU C 6 -19.64 -5.07 -13.57
C GLU C 6 -20.39 -6.02 -14.49
N SER C 7 -20.65 -5.53 -15.70
CA SER C 7 -21.34 -6.27 -16.74
C SER C 7 -20.45 -6.40 -17.96
N GLY C 8 -20.99 -6.99 -19.01
CA GLY C 8 -20.25 -7.25 -20.23
C GLY C 8 -19.76 -8.68 -20.35
N GLY C 9 -19.84 -9.47 -19.29
CA GLY C 9 -19.40 -10.84 -19.34
C GLY C 9 -20.36 -11.73 -20.09
N GLY C 10 -19.97 -12.18 -21.28
CA GLY C 10 -20.79 -13.05 -22.08
C GLY C 10 -20.00 -14.16 -22.73
N LEU C 11 -20.35 -14.51 -23.96
CA LEU C 11 -19.66 -15.57 -24.70
C LEU C 11 -18.87 -14.96 -25.84
N VAL C 12 -17.60 -15.34 -25.94
CA VAL C 12 -16.72 -14.90 -27.00
C VAL C 12 -15.95 -16.11 -27.52
N GLN C 13 -15.34 -15.95 -28.68
CA GLN C 13 -14.62 -17.02 -29.32
C GLN C 13 -13.14 -16.95 -29.01
N PRO C 14 -12.42 -18.06 -29.16
CA PRO C 14 -10.97 -18.01 -28.94
C PRO C 14 -10.33 -16.96 -29.82
N GLY C 15 -9.40 -16.20 -29.25
CA GLY C 15 -8.84 -15.06 -29.94
C GLY C 15 -9.82 -13.92 -30.13
N GLY C 16 -10.95 -13.95 -29.45
CA GLY C 16 -11.95 -12.92 -29.58
C GLY C 16 -11.60 -11.68 -28.77
N SER C 17 -12.54 -10.74 -28.75
CA SER C 17 -12.35 -9.49 -28.04
C SER C 17 -13.64 -9.13 -27.32
N LEU C 18 -13.50 -8.66 -26.09
CA LEU C 18 -14.63 -8.23 -25.29
C LEU C 18 -14.13 -7.26 -24.23
N ARG C 19 -15.03 -6.45 -23.72
CA ARG C 19 -14.71 -5.45 -22.70
C ARG C 19 -15.70 -5.58 -21.55
N LEU C 20 -15.17 -5.57 -20.33
CA LEU C 20 -15.99 -5.66 -19.12
C LEU C 20 -16.07 -4.29 -18.47
N SER C 21 -17.28 -3.83 -18.20
CA SER C 21 -17.53 -2.50 -17.68
C SER C 21 -17.99 -2.60 -16.24
N CYS C 22 -17.18 -2.08 -15.32
CA CYS C 22 -17.48 -2.08 -13.89
C CYS C 22 -17.99 -0.70 -13.50
N ALA C 23 -19.30 -0.59 -13.31
CA ALA C 23 -19.86 0.61 -12.72
C ALA C 23 -19.76 0.54 -11.21
N ALA C 24 -19.63 1.70 -10.59
CA ALA C 24 -19.49 1.80 -9.14
C ALA C 24 -20.42 2.87 -8.61
N SER C 25 -20.80 2.73 -7.34
CA SER C 25 -21.68 3.69 -6.70
C SER C 25 -21.33 3.77 -5.22
N GLY C 26 -21.41 4.98 -4.67
CA GLY C 26 -21.05 5.24 -3.30
C GLY C 26 -19.67 5.83 -3.10
N PHE C 27 -18.83 5.81 -4.13
CA PHE C 27 -17.49 6.37 -4.03
C PHE C 27 -17.01 6.75 -5.42
N ASN C 28 -16.18 7.78 -5.49
CA ASN C 28 -15.61 8.21 -6.76
C ASN C 28 -14.64 7.16 -7.28
N LEU C 29 -14.80 6.79 -8.55
CA LEU C 29 -13.94 5.76 -9.13
C LEU C 29 -12.49 6.22 -9.16
N SER C 30 -12.25 7.48 -9.53
CA SER C 30 -10.90 7.98 -9.74
C SER C 30 -10.15 8.26 -8.44
N SER C 31 -10.83 8.22 -7.30
CA SER C 31 -10.22 8.53 -6.01
C SER C 31 -9.65 7.30 -5.32
N SER C 32 -9.64 6.15 -5.98
CA SER C 32 -9.22 4.92 -5.33
C SER C 32 -8.60 3.99 -6.37
N SER C 33 -7.82 3.03 -5.89
CA SER C 33 -7.20 2.05 -6.77
C SER C 33 -8.22 0.99 -7.16
N ILE C 34 -8.13 0.53 -8.40
CA ILE C 34 -9.09 -0.43 -8.95
C ILE C 34 -8.32 -1.63 -9.48
N HIS C 35 -8.73 -2.82 -9.07
CA HIS C 35 -8.07 -4.04 -9.51
C HIS C 35 -9.09 -5.01 -10.07
N TRP C 36 -8.84 -5.49 -11.28
CA TRP C 36 -9.64 -6.55 -11.88
C TRP C 36 -8.99 -7.88 -11.54
N VAL C 37 -9.68 -8.69 -10.74
CA VAL C 37 -9.25 -10.02 -10.35
C VAL C 37 -10.16 -11.02 -11.06
N ARG C 38 -9.66 -12.23 -11.25
CA ARG C 38 -10.47 -13.26 -11.90
C ARG C 38 -10.26 -14.59 -11.20
N GLN C 39 -11.36 -15.32 -11.03
CA GLN C 39 -11.36 -16.62 -10.39
C GLN C 39 -11.98 -17.63 -11.36
N ALA C 40 -11.16 -18.53 -11.88
CA ALA C 40 -11.66 -19.56 -12.78
C ALA C 40 -12.55 -20.51 -11.99
N PRO C 41 -13.45 -21.21 -12.67
CA PRO C 41 -14.32 -22.15 -11.96
C PRO C 41 -13.50 -23.19 -11.20
N GLY C 42 -13.75 -23.29 -9.90
CA GLY C 42 -13.03 -24.22 -9.06
C GLY C 42 -11.54 -23.91 -8.98
N LYS C 43 -11.20 -22.65 -8.75
CA LYS C 43 -9.81 -22.23 -8.68
C LYS C 43 -9.71 -21.03 -7.74
N GLY C 44 -8.48 -20.72 -7.37
CA GLY C 44 -8.25 -19.61 -6.45
C GLY C 44 -8.29 -18.26 -7.15
N LEU C 45 -8.30 -17.22 -6.33
CA LEU C 45 -8.32 -15.86 -6.86
C LEU C 45 -7.05 -15.58 -7.65
N GLU C 46 -7.21 -14.86 -8.75
CA GLU C 46 -6.09 -14.51 -9.62
C GLU C 46 -6.23 -13.05 -10.02
N TRP C 47 -5.18 -12.27 -9.79
CA TRP C 47 -5.21 -10.84 -10.04
C TRP C 47 -4.85 -10.56 -11.50
N VAL C 48 -5.69 -9.78 -12.18
CA VAL C 48 -5.54 -9.57 -13.61
C VAL C 48 -4.87 -8.23 -13.90
N ALA C 49 -5.48 -7.14 -13.44
CA ALA C 49 -5.00 -5.81 -13.83
C ALA C 49 -5.23 -4.84 -12.69
N SER C 50 -4.49 -3.72 -12.74
CA SER C 50 -4.52 -2.74 -11.66
C SER C 50 -4.34 -1.34 -12.20
N ILE C 51 -5.18 -0.41 -11.73
CA ILE C 51 -4.88 1.02 -11.72
C ILE C 51 -4.57 1.37 -10.28
N TYR C 52 -3.33 1.75 -10.02
CA TYR C 52 -2.81 1.90 -8.68
C TYR C 52 -2.24 3.27 -8.36
N SER C 53 -1.86 4.05 -9.37
CA SER C 53 -1.23 5.34 -9.13
C SER C 53 -2.27 6.45 -9.21
N TYR C 54 -1.97 7.56 -8.53
CA TYR C 54 -2.80 8.75 -8.64
C TYR C 54 -2.74 9.33 -10.05
N TYR C 55 -1.69 9.02 -10.80
CA TYR C 55 -1.50 9.53 -12.15
C TYR C 55 -1.96 8.55 -13.21
N GLY C 56 -2.68 7.50 -12.82
CA GLY C 56 -3.23 6.57 -13.77
C GLY C 56 -2.31 5.47 -14.24
N SER C 57 -1.17 5.29 -13.57
CA SER C 57 -0.28 4.19 -13.95
C SER C 57 -1.02 2.87 -13.84
N THR C 58 -0.77 1.98 -14.80
CA THR C 58 -1.46 0.71 -14.87
C THR C 58 -0.46 -0.43 -14.88
N SER C 59 -0.83 -1.53 -14.22
CA SER C 59 0.00 -2.73 -14.18
C SER C 59 -0.86 -3.94 -14.52
N TYR C 60 -0.21 -4.98 -15.02
CA TYR C 60 -0.91 -6.19 -15.44
C TYR C 60 -0.09 -7.41 -15.07
N ALA C 61 -0.78 -8.53 -14.92
CA ALA C 61 -0.10 -9.80 -14.76
C ALA C 61 0.56 -10.19 -16.08
N ASP C 62 1.53 -11.10 -15.99
CA ASP C 62 2.26 -11.52 -17.17
C ASP C 62 1.33 -12.15 -18.21
N SER C 63 0.39 -12.98 -17.74
CA SER C 63 -0.52 -13.65 -18.67
C SER C 63 -1.39 -12.65 -19.44
N VAL C 64 -1.65 -11.48 -18.85
CA VAL C 64 -2.51 -10.49 -19.46
C VAL C 64 -1.75 -9.19 -19.74
N LYS C 65 -0.43 -9.28 -19.94
CA LYS C 65 0.35 -8.08 -20.20
C LYS C 65 0.10 -7.58 -21.61
N GLY C 66 -0.34 -6.32 -21.72
CA GLY C 66 -0.61 -5.72 -23.02
C GLY C 66 -1.90 -6.21 -23.62
N ARG C 67 -2.12 -7.53 -23.60
CA ARG C 67 -3.35 -8.10 -24.14
C ARG C 67 -4.58 -7.46 -23.50
N PHE C 68 -4.55 -7.28 -22.19
CA PHE C 68 -5.63 -6.63 -21.46
C PHE C 68 -5.26 -5.18 -21.22
N THR C 69 -6.25 -4.28 -21.32
CA THR C 69 -6.03 -2.86 -21.11
C THR C 69 -7.07 -2.35 -20.13
N ILE C 70 -6.61 -1.89 -18.98
CA ILE C 70 -7.49 -1.32 -17.97
C ILE C 70 -7.58 0.18 -18.19
N SER C 71 -8.77 0.74 -18.01
CA SER C 71 -8.98 2.16 -18.19
C SER C 71 -10.09 2.61 -17.25
N ALA C 72 -10.14 3.92 -17.04
CA ALA C 72 -11.17 4.53 -16.19
C ALA C 72 -11.90 5.61 -16.97
N ASP C 73 -13.07 5.99 -16.46
CA ASP C 73 -13.88 7.06 -17.05
C ASP C 73 -14.48 7.84 -15.88
N THR C 74 -13.76 8.89 -15.46
CA THR C 74 -14.24 9.67 -14.32
C THR C 74 -15.62 10.25 -14.58
N SER C 75 -15.95 10.53 -15.84
CA SER C 75 -17.27 11.09 -16.14
C SER C 75 -18.37 10.09 -15.80
N LYS C 76 -18.24 8.85 -16.26
CA LYS C 76 -19.23 7.81 -16.00
C LYS C 76 -18.88 6.94 -14.81
N ASN C 77 -17.74 7.17 -14.17
CA ASN C 77 -17.33 6.40 -12.99
C ASN C 77 -17.23 4.91 -13.27
N THR C 78 -17.13 4.53 -14.54
CA THR C 78 -17.15 3.14 -14.95
C THR C 78 -15.75 2.72 -15.40
N ALA C 79 -15.13 1.84 -14.63
CA ALA C 79 -13.87 1.27 -15.08
C ALA C 79 -14.13 0.28 -16.20
N TYR C 80 -13.10 0.05 -17.02
CA TYR C 80 -13.21 -0.86 -18.15
C TYR C 80 -11.98 -1.75 -18.20
N LEU C 81 -12.20 -3.02 -18.50
CA LEU C 81 -11.14 -3.96 -18.83
C LEU C 81 -11.40 -4.39 -20.27
N GLN C 82 -10.65 -3.81 -21.20
CA GLN C 82 -10.78 -4.14 -22.61
C GLN C 82 -9.84 -5.28 -22.93
N MET C 83 -10.39 -6.39 -23.39
CA MET C 83 -9.60 -7.57 -23.70
C MET C 83 -9.45 -7.73 -25.21
N ASN C 84 -8.37 -8.39 -25.60
CA ASN C 84 -8.13 -8.73 -26.99
C ASN C 84 -7.44 -10.09 -27.03
N SER C 85 -7.54 -10.77 -28.17
CA SER C 85 -6.92 -12.07 -28.35
C SER C 85 -7.26 -13.00 -27.18
N LEU C 86 -8.50 -12.91 -26.71
CA LEU C 86 -8.91 -13.72 -25.57
C LEU C 86 -8.76 -15.20 -25.89
N ARG C 87 -8.20 -15.94 -24.93
CA ARG C 87 -8.03 -17.38 -25.06
C ARG C 87 -9.03 -18.10 -24.16
N ALA C 88 -9.11 -19.42 -24.36
CA ALA C 88 -10.09 -20.21 -23.62
C ALA C 88 -9.82 -20.15 -22.12
N GLU C 89 -8.56 -20.24 -21.72
CA GLU C 89 -8.23 -20.25 -20.30
C GLU C 89 -8.53 -18.92 -19.62
N ASP C 90 -8.80 -17.86 -20.38
CA ASP C 90 -9.19 -16.60 -19.78
C ASP C 90 -10.58 -16.66 -19.15
N THR C 91 -11.35 -17.71 -19.41
CA THR C 91 -12.69 -17.81 -18.85
C THR C 91 -12.62 -17.88 -17.34
N ALA C 92 -13.43 -17.07 -16.68
CA ALA C 92 -13.47 -17.03 -15.23
C ALA C 92 -14.57 -16.08 -14.77
N VAL C 93 -14.77 -15.98 -13.46
CA VAL C 93 -15.62 -14.95 -12.90
C VAL C 93 -14.73 -13.75 -12.61
N TYR C 94 -15.04 -12.62 -13.23
CA TYR C 94 -14.22 -11.42 -13.13
C TYR C 94 -14.83 -10.49 -12.10
N TYR C 95 -14.06 -10.21 -11.05
CA TYR C 95 -14.47 -9.29 -9.99
C TYR C 95 -13.71 -7.98 -10.13
N CYS C 96 -14.45 -6.89 -10.18
CA CYS C 96 -13.87 -5.55 -10.15
C CYS C 96 -13.84 -5.09 -8.69
N ALA C 97 -12.66 -5.11 -8.09
CA ALA C 97 -12.50 -4.83 -6.67
C ALA C 97 -11.84 -3.47 -6.47
N ARG C 98 -12.17 -2.85 -5.35
CA ARG C 98 -11.68 -1.53 -5.00
C ARG C 98 -10.61 -1.65 -3.91
N GLU C 99 -9.78 -0.63 -3.81
CA GLU C 99 -8.86 -0.53 -2.68
C GLU C 99 -8.64 0.95 -2.39
N TYR C 100 -8.73 1.33 -1.13
CA TYR C 100 -8.67 2.73 -0.74
C TYR C 100 -8.29 2.82 0.72
N HIS C 101 -7.30 3.66 1.02
CA HIS C 101 -6.89 3.95 2.39
C HIS C 101 -7.09 5.43 2.65
N SER C 102 -7.74 5.75 3.77
CA SER C 102 -8.03 7.14 4.08
C SER C 102 -6.77 7.99 4.07
N TYR C 103 -5.63 7.41 4.43
CA TYR C 103 -4.35 8.11 4.43
C TYR C 103 -3.61 7.75 3.15
N TRP C 104 -4.00 8.43 2.07
CA TRP C 104 -3.37 8.24 0.76
C TRP C 104 -3.13 9.61 0.14
N SER C 105 -1.88 10.00 0.03
CA SER C 105 -1.50 11.26 -0.57
C SER C 105 -1.40 11.10 -2.09
N TYR C 106 -0.80 12.07 -2.77
CA TYR C 106 -0.58 11.96 -4.20
C TYR C 106 0.06 10.62 -4.55
N SER C 107 0.88 10.08 -3.65
CA SER C 107 1.39 8.73 -3.76
C SER C 107 0.52 7.81 -2.93
N TRP C 108 0.05 6.72 -3.54
CA TRP C 108 -0.87 5.80 -2.88
C TRP C 108 -0.05 4.69 -2.24
N TRP C 109 0.13 4.79 -0.92
CA TRP C 109 0.90 3.84 -0.13
C TRP C 109 0.52 4.05 1.32
N PRO C 110 0.44 2.99 2.14
CA PRO C 110 0.71 1.57 1.84
C PRO C 110 -0.42 0.91 1.08
N ARG C 111 -0.13 -0.22 0.43
CA ARG C 111 -1.15 -0.98 -0.26
C ARG C 111 -1.96 -1.77 0.76
N VAL C 112 -3.28 -1.57 0.75
CA VAL C 112 -4.18 -2.23 1.67
C VAL C 112 -4.99 -3.28 0.90
N GLY C 113 -5.76 -4.07 1.65
CA GLY C 113 -6.51 -5.14 1.03
C GLY C 113 -7.67 -4.63 0.19
N LEU C 114 -8.18 -5.52 -0.66
CA LEU C 114 -9.32 -5.20 -1.53
C LEU C 114 -10.57 -5.12 -0.67
N ASP C 115 -10.93 -3.90 -0.26
CA ASP C 115 -12.01 -3.75 0.70
C ASP C 115 -13.34 -4.23 0.14
N TYR C 116 -13.63 -3.91 -1.12
CA TYR C 116 -14.93 -4.20 -1.72
C TYR C 116 -14.77 -4.98 -3.01
N TRP C 117 -15.77 -5.80 -3.31
CA TRP C 117 -15.77 -6.65 -4.49
C TRP C 117 -17.14 -6.59 -5.16
N GLY C 118 -17.13 -6.76 -6.47
CA GLY C 118 -18.38 -6.84 -7.21
C GLY C 118 -18.97 -8.24 -7.17
N GLN C 119 -20.16 -8.35 -7.75
CA GLN C 119 -20.87 -9.63 -7.77
C GLN C 119 -20.22 -10.65 -8.69
N GLY C 120 -19.26 -10.25 -9.50
CA GLY C 120 -18.63 -11.17 -10.43
C GLY C 120 -19.46 -11.36 -11.68
N THR C 121 -18.81 -11.44 -12.84
CA THR C 121 -19.50 -11.62 -14.11
C THR C 121 -18.76 -12.70 -14.91
N LEU C 122 -19.30 -13.91 -14.86
CA LEU C 122 -18.69 -15.01 -15.58
C LEU C 122 -18.55 -14.68 -17.06
N VAL C 123 -17.37 -14.92 -17.61
CA VAL C 123 -17.12 -14.76 -19.04
C VAL C 123 -16.66 -16.12 -19.57
N THR C 124 -17.35 -16.63 -20.58
CA THR C 124 -17.05 -17.92 -21.16
C THR C 124 -16.42 -17.72 -22.53
N VAL C 125 -15.28 -18.36 -22.74
CA VAL C 125 -14.53 -18.23 -23.99
C VAL C 125 -14.42 -19.62 -24.58
N SER C 126 -15.31 -19.93 -25.52
CA SER C 126 -15.30 -21.25 -26.15
C SER C 126 -15.95 -21.14 -27.53
N SER C 127 -15.69 -22.15 -28.36
CA SER C 127 -16.25 -22.22 -29.69
C SER C 127 -17.53 -23.06 -29.75
N ALA C 128 -18.00 -23.57 -28.62
CA ALA C 128 -19.21 -24.37 -28.61
C ALA C 128 -20.43 -23.52 -28.92
N SER C 129 -21.46 -24.17 -29.46
CA SER C 129 -22.72 -23.52 -29.78
C SER C 129 -23.82 -24.04 -28.85
N THR C 130 -24.64 -23.13 -28.34
CA THR C 130 -25.66 -23.49 -27.36
C THR C 130 -26.56 -24.59 -27.89
N LYS C 131 -26.79 -25.60 -27.08
CA LYS C 131 -27.75 -26.66 -27.41
C LYS C 131 -28.15 -27.38 -26.13
N GLY C 132 -29.26 -28.12 -26.22
CA GLY C 132 -29.85 -28.74 -25.08
C GLY C 132 -29.05 -29.91 -24.54
N PRO C 133 -29.38 -30.36 -23.33
CA PRO C 133 -28.64 -31.48 -22.74
C PRO C 133 -29.10 -32.83 -23.30
N SER C 134 -28.24 -33.82 -23.11
CA SER C 134 -28.57 -35.22 -23.38
C SER C 134 -28.66 -35.96 -22.06
N VAL C 135 -29.75 -36.68 -21.85
CA VAL C 135 -30.05 -37.31 -20.57
C VAL C 135 -30.00 -38.82 -20.71
N PHE C 136 -29.23 -39.48 -19.83
CA PHE C 136 -29.11 -40.93 -19.84
C PHE C 136 -29.37 -41.44 -18.43
N PRO C 137 -30.31 -42.37 -18.24
CA PRO C 137 -30.68 -42.78 -16.89
C PRO C 137 -29.61 -43.61 -16.20
N LEU C 138 -29.71 -43.71 -14.88
CA LEU C 138 -28.81 -44.49 -14.03
C LEU C 138 -29.71 -45.27 -13.07
N ALA C 139 -30.08 -46.48 -13.48
CA ALA C 139 -31.00 -47.30 -12.72
C ALA C 139 -30.21 -48.27 -11.84
N PRO C 140 -30.42 -48.30 -10.53
CA PRO C 140 -29.68 -49.24 -9.69
C PRO C 140 -29.99 -50.69 -10.07
N ALA C 141 -28.97 -51.53 -10.00
CA ALA C 141 -29.13 -52.95 -10.35
C ALA C 141 -27.86 -53.72 -9.97
N ALA C 145 -31.42 -53.99 -7.01
CA ALA C 145 -31.42 -53.38 -5.69
C ALA C 145 -30.06 -53.54 -5.02
N ALA C 146 -29.61 -52.49 -4.35
CA ALA C 146 -28.31 -52.46 -3.67
C ALA C 146 -28.53 -52.23 -2.19
N ALA C 147 -28.30 -53.27 -1.39
CA ALA C 147 -28.43 -53.17 0.06
C ALA C 147 -29.81 -52.64 0.45
N ALA C 148 -29.90 -51.96 1.58
CA ALA C 148 -31.17 -51.38 2.00
C ALA C 148 -31.53 -50.15 1.19
N THR C 149 -30.54 -49.33 0.86
CA THR C 149 -30.75 -48.09 0.12
C THR C 149 -30.03 -48.18 -1.22
N ALA C 150 -30.74 -47.85 -2.29
CA ALA C 150 -30.19 -47.86 -3.65
C ALA C 150 -30.27 -46.45 -4.23
N ALA C 151 -29.45 -46.21 -5.25
CA ALA C 151 -29.31 -44.89 -5.85
C ALA C 151 -29.92 -44.90 -7.25
N LEU C 152 -30.84 -43.97 -7.48
CA LEU C 152 -31.45 -43.74 -8.79
C LEU C 152 -31.04 -42.36 -9.28
N GLY C 153 -30.51 -42.29 -10.51
CA GLY C 153 -30.03 -41.02 -11.02
C GLY C 153 -30.32 -40.86 -12.50
N CYS C 154 -29.92 -39.71 -13.03
CA CYS C 154 -29.98 -39.50 -14.47
C CYS C 154 -28.88 -38.51 -14.86
N LEU C 155 -27.89 -39.02 -15.60
CA LEU C 155 -26.74 -38.22 -16.00
C LEU C 155 -27.13 -37.24 -17.10
N VAL C 156 -26.70 -36.00 -16.94
CA VAL C 156 -26.86 -34.96 -17.96
C VAL C 156 -25.50 -34.73 -18.60
N LYS C 157 -25.43 -34.84 -19.92
CA LYS C 157 -24.18 -34.82 -20.65
C LYS C 157 -24.31 -33.95 -21.89
N ASP C 158 -23.20 -33.32 -22.26
CA ASP C 158 -23.10 -32.53 -23.49
C ASP C 158 -24.19 -31.47 -23.54
N TYR C 159 -24.14 -30.56 -22.58
CA TYR C 159 -25.03 -29.41 -22.56
C TYR C 159 -24.20 -28.14 -22.42
N PHE C 160 -24.71 -27.05 -23.00
CA PHE C 160 -23.99 -25.80 -22.98
C PHE C 160 -24.95 -24.66 -23.29
N PRO C 161 -24.83 -23.50 -22.62
CA PRO C 161 -23.93 -23.17 -21.51
C PRO C 161 -24.60 -23.45 -20.17
N GLU C 162 -24.07 -22.91 -19.08
CA GLU C 162 -24.67 -23.10 -17.76
C GLU C 162 -25.86 -22.17 -17.58
N PRO C 163 -26.74 -22.47 -16.62
CA PRO C 163 -26.80 -23.66 -15.76
C PRO C 163 -27.94 -24.59 -16.16
N VAL C 164 -27.87 -25.85 -15.75
CA VAL C 164 -28.96 -26.81 -15.97
C VAL C 164 -29.44 -27.24 -14.59
N THR C 165 -30.73 -27.01 -14.32
CA THR C 165 -31.33 -27.30 -13.02
C THR C 165 -32.15 -28.57 -13.14
N VAL C 166 -31.86 -29.55 -12.28
CA VAL C 166 -32.53 -30.84 -12.29
C VAL C 166 -33.19 -31.05 -10.94
N SER C 167 -34.46 -31.44 -10.96
CA SER C 167 -35.23 -31.77 -9.77
C SER C 167 -35.78 -33.19 -9.91
N TRP C 168 -36.49 -33.63 -8.88
CA TRP C 168 -37.04 -34.98 -8.85
C TRP C 168 -38.49 -34.92 -8.44
N ASN C 169 -39.35 -35.64 -9.16
CA ASN C 169 -40.79 -35.66 -8.91
C ASN C 169 -41.34 -34.23 -8.82
N SER C 170 -41.08 -33.44 -9.86
CA SER C 170 -41.53 -32.05 -9.91
C SER C 170 -41.06 -31.26 -8.69
N GLY C 171 -39.92 -31.64 -8.13
CA GLY C 171 -39.39 -30.99 -6.95
C GLY C 171 -39.96 -31.49 -5.65
N ALA C 172 -40.92 -32.43 -5.69
CA ALA C 172 -41.46 -32.97 -4.44
C ALA C 172 -40.41 -33.76 -3.67
N LEU C 173 -39.55 -34.48 -4.37
CA LEU C 173 -38.50 -35.27 -3.73
C LEU C 173 -37.30 -34.36 -3.51
N THR C 174 -37.06 -34.01 -2.24
CA THR C 174 -35.92 -33.18 -1.86
C THR C 174 -35.06 -33.84 -0.79
N SER C 175 -35.24 -35.13 -0.56
CA SER C 175 -34.49 -35.87 0.44
C SER C 175 -33.55 -36.85 -0.24
N GLY C 176 -32.28 -36.82 0.17
CA GLY C 176 -31.29 -37.69 -0.42
C GLY C 176 -30.82 -37.29 -1.79
N VAL C 177 -31.13 -36.07 -2.23
CA VAL C 177 -30.74 -35.61 -3.56
C VAL C 177 -29.29 -35.15 -3.53
N HIS C 178 -28.58 -35.40 -4.63
CA HIS C 178 -27.19 -35.00 -4.77
C HIS C 178 -26.94 -34.67 -6.23
N THR C 179 -26.57 -33.43 -6.49
CA THR C 179 -26.26 -32.95 -7.84
C THR C 179 -24.76 -32.73 -7.93
N PHE C 180 -24.07 -33.67 -8.53
CA PHE C 180 -22.64 -33.50 -8.77
C PHE C 180 -22.47 -32.39 -9.81
N PRO C 181 -21.74 -31.31 -9.48
CA PRO C 181 -21.66 -30.17 -10.40
C PRO C 181 -21.06 -30.55 -11.74
N ALA C 182 -21.49 -29.85 -12.78
CA ALA C 182 -21.05 -30.15 -14.13
C ALA C 182 -19.56 -29.90 -14.27
N VAL C 183 -18.89 -30.78 -15.00
CA VAL C 183 -17.45 -30.69 -15.25
C VAL C 183 -17.24 -30.59 -16.75
N LEU C 184 -16.45 -29.60 -17.16
CA LEU C 184 -16.23 -29.38 -18.58
C LEU C 184 -15.55 -30.59 -19.21
N GLN C 185 -16.06 -30.98 -20.38
CA GLN C 185 -15.48 -32.08 -21.14
C GLN C 185 -14.42 -31.56 -22.10
N SER C 186 -13.72 -32.49 -22.75
CA SER C 186 -12.72 -32.12 -23.74
C SER C 186 -13.34 -31.39 -24.92
N SER C 187 -14.64 -31.55 -25.14
CA SER C 187 -15.33 -30.89 -26.25
C SER C 187 -15.89 -29.53 -25.87
N GLY C 188 -15.64 -29.05 -24.66
CA GLY C 188 -16.18 -27.78 -24.24
C GLY C 188 -17.64 -27.80 -23.91
N LEU C 189 -18.19 -28.96 -23.56
CA LEU C 189 -19.59 -29.10 -23.18
C LEU C 189 -19.67 -29.65 -21.77
N TYR C 190 -20.61 -29.11 -20.99
CA TYR C 190 -20.72 -29.44 -19.57
C TYR C 190 -21.61 -30.65 -19.37
N SER C 191 -21.50 -31.24 -18.17
CA SER C 191 -22.28 -32.45 -17.85
C SER C 191 -22.54 -32.48 -16.34
N LEU C 192 -23.69 -31.94 -15.94
CA LEU C 192 -24.16 -32.11 -14.57
C LEU C 192 -24.58 -33.56 -14.35
N SER C 193 -24.57 -34.01 -13.09
CA SER C 193 -25.07 -35.33 -12.75
CA SER C 193 -25.07 -35.33 -12.75
C SER C 193 -25.97 -35.25 -11.54
N SER C 194 -26.97 -36.13 -11.48
CA SER C 194 -27.96 -36.12 -10.41
C SER C 194 -28.27 -37.54 -9.95
N VAL C 195 -28.33 -37.72 -8.63
CA VAL C 195 -28.55 -39.03 -8.02
C VAL C 195 -29.31 -38.84 -6.71
N VAL C 196 -30.21 -39.78 -6.41
CA VAL C 196 -30.99 -39.77 -5.17
C VAL C 196 -30.92 -41.14 -4.55
N THR C 197 -30.68 -41.19 -3.23
CA THR C 197 -30.70 -42.43 -2.49
C THR C 197 -32.10 -42.66 -1.92
N VAL C 198 -32.56 -43.91 -1.98
CA VAL C 198 -33.93 -44.25 -1.58
C VAL C 198 -33.97 -45.70 -1.14
N PRO C 199 -34.85 -46.06 -0.20
CA PRO C 199 -34.93 -47.48 0.21
C PRO C 199 -35.18 -48.39 -0.98
N SER C 200 -34.50 -49.53 -0.98
CA SER C 200 -34.56 -50.45 -2.12
C SER C 200 -35.97 -51.01 -2.30
N SER C 201 -36.68 -51.27 -1.21
CA SER C 201 -37.99 -51.90 -1.31
C SER C 201 -38.98 -51.05 -2.09
N SER C 202 -38.72 -49.75 -2.26
CA SER C 202 -39.60 -48.84 -2.97
C SER C 202 -39.25 -48.73 -4.45
N LEU C 203 -38.65 -49.77 -5.04
CA LEU C 203 -38.25 -49.71 -6.44
C LEU C 203 -39.45 -49.51 -7.35
N GLY C 204 -40.35 -50.49 -7.38
CA GLY C 204 -41.47 -50.44 -8.29
C GLY C 204 -42.71 -49.79 -7.69
N THR C 205 -42.74 -49.67 -6.37
CA THR C 205 -43.92 -49.09 -5.72
C THR C 205 -44.00 -47.58 -5.91
N GLN C 206 -42.86 -46.92 -6.07
CA GLN C 206 -42.79 -45.48 -6.20
C GLN C 206 -42.19 -45.09 -7.55
N THR C 207 -42.84 -44.16 -8.24
CA THR C 207 -42.32 -43.61 -9.47
C THR C 207 -41.29 -42.54 -9.15
N TYR C 208 -40.24 -42.48 -9.96
CA TYR C 208 -39.13 -41.55 -9.73
C TYR C 208 -38.66 -41.01 -11.07
N ILE C 209 -38.87 -39.72 -11.31
CA ILE C 209 -38.52 -39.08 -12.56
C ILE C 209 -37.67 -37.85 -12.25
N CYS C 210 -36.89 -37.43 -13.25
CA CYS C 210 -36.13 -36.20 -13.15
C CYS C 210 -36.53 -35.25 -14.27
N ASN C 211 -36.28 -33.96 -14.05
CA ASN C 211 -36.92 -32.88 -14.79
C ASN C 211 -35.90 -31.92 -15.39
N VAL C 212 -34.90 -32.44 -16.10
CA VAL C 212 -33.80 -31.63 -16.58
C VAL C 212 -34.34 -30.40 -17.29
N ASN C 213 -33.82 -29.22 -16.91
CA ASN C 213 -34.25 -27.95 -17.46
C ASN C 213 -33.03 -27.16 -17.91
N HIS C 214 -33.04 -26.73 -19.18
CA HIS C 214 -31.96 -25.95 -19.79
C HIS C 214 -32.59 -24.64 -20.26
N LYS C 215 -32.55 -23.63 -19.40
CA LYS C 215 -33.20 -22.36 -19.72
C LYS C 215 -32.60 -21.70 -20.96
N PRO C 216 -31.27 -21.57 -21.09
CA PRO C 216 -30.74 -20.91 -22.30
C PRO C 216 -31.19 -21.59 -23.59
N SER C 217 -31.29 -22.90 -23.60
CA SER C 217 -31.77 -23.64 -24.77
C SER C 217 -33.26 -23.89 -24.75
N ASN C 218 -33.97 -23.41 -23.71
CA ASN C 218 -35.41 -23.59 -23.61
C ASN C 218 -35.80 -25.06 -23.75
N THR C 219 -35.05 -25.92 -23.08
CA THR C 219 -35.26 -27.36 -23.13
C THR C 219 -35.82 -27.86 -21.80
N LYS C 220 -36.81 -28.74 -21.87
CA LYS C 220 -37.42 -29.33 -20.69
C LYS C 220 -37.59 -30.83 -20.96
N VAL C 221 -36.71 -31.64 -20.39
CA VAL C 221 -36.71 -33.08 -20.61
C VAL C 221 -37.04 -33.76 -19.29
N ASP C 222 -38.21 -34.39 -19.24
CA ASP C 222 -38.62 -35.19 -18.10
C ASP C 222 -38.45 -36.66 -18.43
N LYS C 223 -37.74 -37.38 -17.57
CA LYS C 223 -37.41 -38.77 -17.83
C LYS C 223 -37.71 -39.64 -16.61
N LYS C 224 -38.05 -40.90 -16.89
CA LYS C 224 -38.36 -41.89 -15.87
C LYS C 224 -37.21 -42.87 -15.72
N VAL C 225 -36.84 -43.17 -14.48
CA VAL C 225 -35.76 -44.09 -14.17
C VAL C 225 -36.36 -45.28 -13.44
N GLU C 226 -36.18 -46.48 -13.99
CA GLU C 226 -36.67 -47.70 -13.40
C GLU C 226 -35.56 -48.74 -13.37
N PRO C 227 -35.59 -49.65 -12.39
CA PRO C 227 -34.52 -50.64 -12.30
C PRO C 227 -34.43 -51.51 -13.54
N LYS C 228 -33.21 -51.84 -13.94
CA LYS C 228 -33.00 -52.75 -15.05
C LYS C 228 -33.51 -54.15 -14.68
N SER C 229 -33.48 -55.05 -15.66
CA SER C 229 -33.87 -56.43 -15.40
C SER C 229 -32.96 -57.10 -14.38
N CYS C 230 -31.78 -56.54 -14.14
CA CYS C 230 -30.86 -57.07 -13.15
C CYS C 230 -31.22 -56.57 -11.75
N ALA D 1 7.41 -12.48 -7.58
CA ALA D 1 6.61 -12.46 -6.36
C ALA D 1 5.75 -13.71 -6.24
N GLN D 2 6.16 -14.62 -5.36
CA GLN D 2 5.44 -15.87 -5.14
C GLN D 2 5.05 -15.95 -3.67
N MET D 3 3.79 -16.32 -3.41
CA MET D 3 3.30 -16.58 -2.07
C MET D 3 2.84 -18.02 -2.00
N THR D 4 3.38 -18.76 -1.04
CA THR D 4 3.02 -20.16 -0.84
C THR D 4 2.11 -20.28 0.37
N GLN D 5 0.93 -20.84 0.16
CA GLN D 5 -0.06 -21.03 1.21
C GLN D 5 0.12 -22.40 1.84
N SER D 6 -0.27 -22.53 3.11
CA SER D 6 -0.21 -23.82 3.78
C SER D 6 -1.16 -23.79 4.97
N PRO D 7 -1.82 -24.91 5.30
CA PRO D 7 -1.83 -26.19 4.58
C PRO D 7 -2.77 -26.13 3.39
N SER D 8 -2.75 -27.14 2.51
CA SER D 8 -3.66 -27.14 1.38
C SER D 8 -5.11 -27.12 1.83
N SER D 9 -5.44 -27.94 2.83
CA SER D 9 -6.81 -27.96 3.38
C SER D 9 -6.75 -28.64 4.73
N LEU D 10 -7.18 -27.95 5.77
CA LEU D 10 -7.16 -28.48 7.13
C LEU D 10 -8.57 -28.80 7.60
N SER D 11 -8.65 -29.79 8.48
CA SER D 11 -9.91 -30.21 9.08
C SER D 11 -9.98 -29.68 10.51
N ALA D 12 -11.10 -29.05 10.85
CA ALA D 12 -11.26 -28.43 12.16
C ALA D 12 -12.71 -28.55 12.60
N SER D 13 -12.90 -28.56 13.91
CA SER D 13 -14.21 -28.50 14.53
C SER D 13 -14.42 -27.10 15.10
N VAL D 14 -15.53 -26.92 15.80
CA VAL D 14 -15.82 -25.64 16.42
C VAL D 14 -14.87 -25.42 17.58
N GLY D 15 -14.24 -24.25 17.62
CA GLY D 15 -13.36 -23.89 18.71
C GLY D 15 -11.99 -24.56 18.68
N ASP D 16 -11.20 -24.24 17.66
CA ASP D 16 -9.81 -24.66 17.59
C ASP D 16 -8.98 -23.52 17.01
N ARG D 17 -7.68 -23.76 16.86
CA ARG D 17 -6.77 -22.76 16.30
C ARG D 17 -6.56 -22.93 14.81
N VAL D 18 -6.04 -24.09 14.39
CA VAL D 18 -5.79 -24.41 12.99
C VAL D 18 -5.26 -23.20 12.23
N THR D 19 -4.06 -22.74 12.60
CA THR D 19 -3.48 -21.57 11.96
C THR D 19 -3.10 -21.88 10.52
N ILE D 20 -3.01 -20.82 9.72
CA ILE D 20 -2.73 -20.91 8.29
C ILE D 20 -1.55 -20.01 7.97
N THR D 21 -0.53 -20.57 7.33
CA THR D 21 0.72 -19.86 7.07
C THR D 21 0.86 -19.49 5.60
N CYS D 22 1.54 -18.38 5.35
CA CYS D 22 1.87 -17.94 4.00
C CYS D 22 3.31 -17.47 3.97
N ARG D 23 4.06 -17.95 3.00
CA ARG D 23 5.48 -17.66 2.86
C ARG D 23 5.72 -16.84 1.60
N ALA D 24 6.40 -15.71 1.76
CA ALA D 24 6.76 -14.84 0.64
C ALA D 24 8.18 -15.14 0.20
N SER D 25 8.37 -15.36 -1.09
CA SER D 25 9.65 -15.78 -1.65
C SER D 25 10.32 -14.62 -2.36
N GLN D 26 11.58 -14.36 -2.01
CA GLN D 26 12.38 -13.31 -2.64
C GLN D 26 11.63 -11.99 -2.66
N SER D 27 10.71 -11.81 -1.74
CA SER D 27 9.92 -10.59 -1.63
C SER D 27 9.81 -10.22 -0.17
N VAL D 28 10.05 -8.94 0.14
CA VAL D 28 10.08 -8.46 1.51
C VAL D 28 9.14 -7.29 1.75
N SER D 29 8.16 -7.08 0.88
CA SER D 29 7.04 -6.21 1.23
C SER D 29 6.20 -6.86 2.31
N SER D 30 5.79 -6.06 3.30
CA SER D 30 4.98 -6.55 4.40
C SER D 30 3.51 -6.23 4.21
N ALA D 31 3.11 -5.82 3.00
CA ALA D 31 1.71 -5.50 2.72
C ALA D 31 1.02 -6.78 2.28
N VAL D 32 0.49 -7.52 3.25
CA VAL D 32 -0.19 -8.78 3.02
C VAL D 32 -1.56 -8.72 3.66
N ALA D 33 -2.55 -9.32 3.00
CA ALA D 33 -3.92 -9.34 3.49
C ALA D 33 -4.48 -10.74 3.33
N TRP D 34 -5.49 -11.05 4.14
CA TRP D 34 -6.19 -12.33 4.10
C TRP D 34 -7.68 -12.07 3.88
N TYR D 35 -8.24 -12.80 2.93
CA TYR D 35 -9.65 -12.74 2.56
C TYR D 35 -10.32 -14.08 2.79
N GLN D 36 -11.63 -14.04 3.00
CA GLN D 36 -12.46 -15.22 3.21
C GLN D 36 -13.46 -15.32 2.08
N GLN D 37 -13.56 -16.50 1.48
CA GLN D 37 -14.46 -16.77 0.35
C GLN D 37 -15.35 -17.95 0.70
N LYS D 38 -16.64 -17.69 0.84
CA LYS D 38 -17.63 -18.75 0.95
C LYS D 38 -18.03 -19.23 -0.44
N PRO D 39 -18.57 -20.44 -0.56
CA PRO D 39 -18.92 -20.95 -1.89
C PRO D 39 -19.85 -20.02 -2.63
N GLY D 40 -19.47 -19.69 -3.87
CA GLY D 40 -20.30 -18.86 -4.71
C GLY D 40 -20.58 -17.48 -4.15
N LYS D 41 -19.55 -16.80 -3.67
CA LYS D 41 -19.72 -15.47 -3.10
C LYS D 41 -18.48 -14.64 -3.38
N ALA D 42 -18.63 -13.33 -3.24
CA ALA D 42 -17.49 -12.44 -3.38
C ALA D 42 -16.60 -12.57 -2.15
N PRO D 43 -15.29 -12.72 -2.31
CA PRO D 43 -14.41 -12.84 -1.13
C PRO D 43 -14.55 -11.64 -0.20
N LYS D 44 -14.51 -11.92 1.09
CA LYS D 44 -14.51 -10.88 2.12
C LYS D 44 -13.09 -10.66 2.60
N LEU D 45 -12.76 -9.41 2.89
CA LEU D 45 -11.43 -9.05 3.39
C LEU D 45 -11.42 -9.22 4.90
N LEU D 46 -10.67 -10.21 5.37
CA LEU D 46 -10.56 -10.44 6.81
C LEU D 46 -9.58 -9.46 7.44
N ILE D 47 -8.32 -9.49 7.00
CA ILE D 47 -7.29 -8.63 7.60
C ILE D 47 -6.40 -8.09 6.49
N TYR D 48 -5.73 -6.96 6.79
CA TYR D 48 -4.78 -6.37 5.86
C TYR D 48 -3.57 -5.88 6.63
N SER D 49 -2.55 -5.46 5.89
CA SER D 49 -1.26 -5.05 6.42
C SER D 49 -0.54 -6.17 7.14
N ALA D 50 -1.04 -7.41 7.04
CA ALA D 50 -0.38 -8.57 7.62
C ALA D 50 -0.53 -8.60 9.14
N SER D 51 -1.13 -7.58 9.71
CA SER D 51 -1.35 -7.54 11.16
C SER D 51 -2.73 -7.00 11.54
N SER D 52 -3.21 -5.99 10.83
CA SER D 52 -4.45 -5.32 11.20
C SER D 52 -5.64 -6.02 10.56
N LEU D 53 -6.72 -6.14 11.33
CA LEU D 53 -7.94 -6.80 10.87
C LEU D 53 -8.90 -5.77 10.30
N TYR D 54 -9.49 -6.09 9.15
CA TYR D 54 -10.48 -5.21 8.54
C TYR D 54 -11.64 -4.99 9.51
N SER D 55 -12.04 -3.73 9.67
CA SER D 55 -13.15 -3.42 10.57
C SER D 55 -14.39 -4.21 10.15
N GLY D 56 -15.22 -4.51 11.13
CA GLY D 56 -16.41 -5.30 10.91
C GLY D 56 -16.20 -6.80 10.97
N VAL D 57 -14.97 -7.25 11.17
CA VAL D 57 -14.67 -8.68 11.28
C VAL D 57 -14.57 -9.03 12.77
N PRO D 58 -15.03 -10.20 13.19
CA PRO D 58 -14.87 -10.57 14.60
C PRO D 58 -13.40 -10.72 14.98
N SER D 59 -13.11 -10.45 16.25
CA SER D 59 -11.73 -10.48 16.74
C SER D 59 -11.12 -11.86 16.73
N ARG D 60 -11.91 -12.91 16.51
CA ARG D 60 -11.36 -14.26 16.50
C ARG D 60 -10.22 -14.40 15.50
N PHE D 61 -10.24 -13.62 14.43
CA PHE D 61 -9.18 -13.64 13.44
C PHE D 61 -8.02 -12.77 13.89
N SER D 62 -6.80 -13.24 13.64
CA SER D 62 -5.59 -12.53 14.01
C SER D 62 -4.53 -12.71 12.95
N GLY D 63 -3.97 -11.60 12.49
CA GLY D 63 -2.92 -11.61 11.48
C GLY D 63 -1.51 -11.59 12.07
N SER D 64 -1.08 -12.71 12.66
CA SER D 64 0.25 -12.77 13.22
CA SER D 64 0.25 -12.77 13.22
C SER D 64 1.31 -12.77 12.12
N ARG D 65 2.52 -12.35 12.49
CA ARG D 65 3.62 -12.28 11.54
C ARG D 65 4.87 -12.89 12.16
N SER D 66 5.64 -13.59 11.33
CA SER D 66 6.85 -14.30 11.73
C SER D 66 7.94 -13.99 10.72
N GLY D 67 8.20 -12.70 10.52
CA GLY D 67 9.31 -12.29 9.70
C GLY D 67 8.99 -12.48 8.24
N THR D 68 9.57 -13.52 7.64
CA THR D 68 9.26 -13.88 6.27
C THR D 68 7.95 -14.65 6.15
N ASP D 69 7.28 -14.96 7.25
CA ASP D 69 5.99 -15.65 7.20
C ASP D 69 4.87 -14.75 7.71
N PHE D 70 3.66 -14.98 7.20
CA PHE D 70 2.46 -14.30 7.67
C PHE D 70 1.42 -15.36 7.96
N THR D 71 0.94 -15.41 9.19
CA THR D 71 0.00 -16.44 9.61
C THR D 71 -1.32 -15.81 10.02
N LEU D 72 -2.41 -16.46 9.63
CA LEU D 72 -3.75 -16.10 10.05
C LEU D 72 -4.24 -17.16 11.04
N THR D 73 -4.70 -16.71 12.20
CA THR D 73 -5.12 -17.60 13.27
C THR D 73 -6.55 -17.29 13.68
N ILE D 74 -7.27 -18.32 14.08
CA ILE D 74 -8.63 -18.18 14.60
C ILE D 74 -8.61 -18.66 16.04
N SER D 75 -8.92 -17.75 16.97
CA SER D 75 -8.86 -18.09 18.38
C SER D 75 -9.79 -19.26 18.71
N SER D 76 -11.04 -19.17 18.28
CA SER D 76 -12.02 -20.22 18.50
C SER D 76 -12.85 -20.36 17.24
N LEU D 77 -12.63 -21.42 16.48
CA LEU D 77 -13.33 -21.61 15.22
C LEU D 77 -14.83 -21.70 15.46
N GLN D 78 -15.59 -21.21 14.48
CA GLN D 78 -17.04 -21.15 14.53
C GLN D 78 -17.62 -21.77 13.27
N PRO D 79 -18.90 -22.18 13.30
CA PRO D 79 -19.49 -22.77 12.09
C PRO D 79 -19.44 -21.85 10.89
N GLU D 80 -19.59 -20.54 11.08
CA GLU D 80 -19.57 -19.62 9.95
C GLU D 80 -18.20 -19.59 9.27
N ASP D 81 -17.13 -19.80 10.04
CA ASP D 81 -15.78 -19.66 9.51
C ASP D 81 -15.43 -20.72 8.48
N PHE D 82 -16.24 -21.76 8.33
CA PHE D 82 -15.93 -22.82 7.38
C PHE D 82 -16.05 -22.28 5.97
N ALA D 83 -14.92 -22.02 5.35
CA ALA D 83 -14.86 -21.43 4.01
C ALA D 83 -13.41 -21.50 3.53
N THR D 84 -13.15 -20.92 2.37
CA THR D 84 -11.79 -20.86 1.85
C THR D 84 -11.13 -19.56 2.30
N TYR D 85 -9.82 -19.63 2.53
CA TYR D 85 -9.07 -18.49 3.02
C TYR D 85 -7.88 -18.24 2.11
N TYR D 86 -7.79 -17.03 1.56
CA TYR D 86 -6.73 -16.64 0.66
C TYR D 86 -5.85 -15.59 1.31
N CYS D 87 -4.56 -15.64 0.98
CA CYS D 87 -3.61 -14.61 1.39
C CYS D 87 -2.99 -14.02 0.13
N GLN D 88 -2.94 -12.69 0.07
CA GLN D 88 -2.39 -12.00 -1.07
C GLN D 88 -1.43 -10.90 -0.60
N GLN D 89 -0.51 -10.55 -1.49
CA GLN D 89 0.54 -9.58 -1.20
C GLN D 89 0.56 -8.53 -2.30
N ALA D 90 0.52 -7.27 -1.89
CA ALA D 90 0.69 -6.14 -2.81
C ALA D 90 2.12 -5.65 -2.63
N SER D 91 3.03 -6.20 -3.43
CA SER D 91 4.44 -5.89 -3.30
C SER D 91 4.65 -4.38 -3.36
N LEU D 92 5.79 -3.90 -2.83
CA LEU D 92 6.06 -2.48 -2.86
C LEU D 92 6.18 -1.95 -4.28
N THR D 93 6.37 -2.83 -5.26
CA THR D 93 6.22 -2.47 -6.66
C THR D 93 4.73 -2.45 -6.98
N ALA D 94 4.39 -2.37 -8.25
CA ALA D 94 3.00 -2.38 -8.70
C ALA D 94 2.64 -3.79 -9.10
N LEU D 95 2.04 -4.55 -8.17
CA LEU D 95 1.72 -5.94 -8.43
C LEU D 95 0.83 -6.45 -7.29
N LEU D 96 0.09 -7.51 -7.59
CA LEU D 96 -0.75 -8.20 -6.63
C LEU D 96 -0.60 -9.69 -6.86
N THR D 97 -0.25 -10.45 -5.81
CA THR D 97 -0.06 -11.89 -5.92
C THR D 97 -0.95 -12.57 -4.90
N PHE D 98 -1.82 -13.45 -5.37
CA PHE D 98 -2.74 -14.18 -4.50
C PHE D 98 -2.20 -15.57 -4.22
N GLY D 99 -2.45 -16.05 -3.01
CA GLY D 99 -2.05 -17.39 -2.62
C GLY D 99 -2.96 -18.44 -3.24
N GLN D 100 -2.58 -19.70 -3.03
CA GLN D 100 -3.35 -20.81 -3.56
C GLN D 100 -4.65 -21.03 -2.81
N GLY D 101 -4.81 -20.42 -1.64
CA GLY D 101 -6.01 -20.61 -0.86
C GLY D 101 -6.04 -21.96 -0.18
N THR D 102 -6.63 -22.03 1.01
CA THR D 102 -6.79 -23.28 1.74
C THR D 102 -8.19 -23.34 2.32
N LYS D 103 -8.73 -24.54 2.38
CA LYS D 103 -10.12 -24.75 2.77
C LYS D 103 -10.22 -25.24 4.20
N VAL D 104 -11.27 -24.81 4.89
CA VAL D 104 -11.55 -25.21 6.26
C VAL D 104 -12.90 -25.92 6.27
N GLU D 105 -12.94 -27.11 6.86
CA GLU D 105 -14.09 -27.98 6.77
C GLU D 105 -14.33 -28.66 8.11
N ILE D 106 -15.58 -29.08 8.31
CA ILE D 106 -16.02 -29.57 9.62
C ILE D 106 -15.26 -30.83 10.00
N LYS D 107 -14.95 -30.96 11.29
CA LYS D 107 -14.38 -32.19 11.85
C LYS D 107 -15.51 -32.98 12.49
N ARG D 108 -15.77 -34.17 11.96
CA ARG D 108 -16.75 -35.09 12.52
C ARG D 108 -16.17 -36.49 12.52
N THR D 109 -16.91 -37.43 13.12
CA THR D 109 -16.47 -38.81 13.17
C THR D 109 -16.24 -39.34 11.77
N VAL D 110 -15.11 -40.04 11.58
CA VAL D 110 -14.80 -40.60 10.28
C VAL D 110 -15.88 -41.59 9.89
N ALA D 111 -16.34 -41.50 8.64
CA ALA D 111 -17.36 -42.39 8.11
C ALA D 111 -16.91 -42.91 6.75
N ALA D 112 -17.05 -44.21 6.55
CA ALA D 112 -16.67 -44.83 5.29
C ALA D 112 -17.69 -44.50 4.21
N PRO D 113 -17.28 -44.55 2.95
CA PRO D 113 -18.20 -44.25 1.85
C PRO D 113 -19.13 -45.43 1.58
N SER D 114 -20.15 -45.16 0.78
CA SER D 114 -20.95 -46.19 0.14
C SER D 114 -20.72 -46.09 -1.36
N VAL D 115 -20.31 -47.20 -1.98
CA VAL D 115 -19.81 -47.20 -3.35
C VAL D 115 -20.82 -47.91 -4.24
N PHE D 116 -21.33 -47.20 -5.24
CA PHE D 116 -22.20 -47.76 -6.27
C PHE D 116 -21.61 -47.47 -7.64
N ILE D 117 -21.66 -48.44 -8.55
CA ILE D 117 -21.14 -48.27 -9.90
C ILE D 117 -22.29 -48.41 -10.88
N PHE D 118 -22.44 -47.41 -11.75
CA PHE D 118 -23.46 -47.43 -12.79
C PHE D 118 -22.80 -47.51 -14.15
N PRO D 119 -23.07 -48.55 -14.94
CA PRO D 119 -22.57 -48.62 -16.30
C PRO D 119 -23.41 -47.75 -17.22
N PRO D 120 -23.02 -47.62 -18.49
CA PRO D 120 -23.77 -46.73 -19.39
C PRO D 120 -25.17 -47.28 -19.65
N SER D 121 -26.14 -46.37 -19.71
CA SER D 121 -27.49 -46.75 -20.08
C SER D 121 -27.56 -47.08 -21.58
N ASP D 122 -28.47 -47.97 -21.93
CA ASP D 122 -28.59 -48.39 -23.32
C ASP D 122 -28.80 -47.20 -24.24
N SER D 123 -29.49 -46.16 -23.76
CA SER D 123 -29.70 -44.98 -24.59
C SER D 123 -28.38 -44.33 -24.97
N GLN D 124 -27.47 -44.17 -24.00
CA GLN D 124 -26.15 -43.63 -24.31
C GLN D 124 -25.39 -44.55 -25.27
N LEU D 125 -25.48 -45.87 -25.03
CA LEU D 125 -24.76 -46.81 -25.90
C LEU D 125 -25.20 -46.67 -27.35
N LYS D 126 -26.52 -46.57 -27.58
CA LYS D 126 -26.99 -46.36 -28.95
C LYS D 126 -26.64 -44.96 -29.44
N SER D 127 -26.51 -43.99 -28.52
CA SER D 127 -26.10 -42.65 -28.94
C SER D 127 -24.70 -42.66 -29.54
N GLY D 128 -23.78 -43.42 -28.94
CA GLY D 128 -22.44 -43.53 -29.47
C GLY D 128 -21.35 -43.15 -28.48
N THR D 129 -21.66 -43.21 -27.19
CA THR D 129 -20.70 -42.87 -26.15
C THR D 129 -20.94 -43.76 -24.94
N ALA D 130 -19.87 -44.05 -24.22
CA ALA D 130 -19.92 -44.82 -22.98
C ALA D 130 -19.43 -43.95 -21.84
N SER D 131 -20.21 -43.89 -20.76
CA SER D 131 -19.85 -43.08 -19.59
C SER D 131 -20.20 -43.89 -18.33
N VAL D 132 -19.19 -44.56 -17.77
CA VAL D 132 -19.36 -45.36 -16.56
C VAL D 132 -19.06 -44.47 -15.37
N VAL D 133 -19.97 -44.44 -14.39
CA VAL D 133 -19.84 -43.51 -13.27
C VAL D 133 -19.81 -44.29 -11.97
N CYS D 134 -18.78 -44.07 -11.16
CA CYS D 134 -18.68 -44.65 -9.83
C CYS D 134 -18.93 -43.57 -8.81
N LEU D 135 -19.70 -43.93 -7.77
CA LEU D 135 -20.27 -42.97 -6.85
C LEU D 135 -19.95 -43.37 -5.42
N LEU D 136 -19.25 -42.48 -4.71
CA LEU D 136 -19.01 -42.61 -3.28
C LEU D 136 -19.94 -41.67 -2.55
N ASN D 137 -20.59 -42.17 -1.51
CA ASN D 137 -21.58 -41.40 -0.77
C ASN D 137 -21.20 -41.33 0.71
N ASN D 138 -21.34 -40.13 1.29
CA ASN D 138 -21.34 -39.95 2.73
C ASN D 138 -20.07 -40.54 3.36
N PHE D 139 -18.95 -39.92 3.00
CA PHE D 139 -17.65 -40.30 3.54
C PHE D 139 -16.97 -39.10 4.17
N TYR D 140 -15.84 -39.37 4.83
CA TYR D 140 -15.07 -38.35 5.51
C TYR D 140 -13.67 -38.89 5.78
N PRO D 141 -12.59 -38.12 5.53
CA PRO D 141 -12.54 -36.75 4.98
C PRO D 141 -12.61 -36.73 3.46
N ARG D 142 -12.26 -35.59 2.85
CA ARG D 142 -12.35 -35.47 1.40
C ARG D 142 -11.41 -36.46 0.72
N GLU D 143 -10.21 -36.62 1.25
CA GLU D 143 -9.20 -37.48 0.64
C GLU D 143 -9.79 -38.88 0.41
N ALA D 144 -9.93 -39.27 -0.85
CA ALA D 144 -10.44 -40.59 -1.19
C ALA D 144 -9.97 -40.93 -2.59
N LYS D 145 -9.07 -41.91 -2.70
CA LYS D 145 -8.49 -42.26 -3.99
C LYS D 145 -9.44 -43.21 -4.72
N VAL D 146 -9.81 -42.84 -5.94
CA VAL D 146 -10.71 -43.63 -6.77
C VAL D 146 -9.98 -43.99 -8.05
N GLN D 147 -9.98 -45.28 -8.40
CA GLN D 147 -9.32 -45.77 -9.58
C GLN D 147 -10.26 -46.71 -10.33
N TRP D 148 -10.00 -46.89 -11.63
CA TRP D 148 -10.82 -47.71 -12.49
C TRP D 148 -10.02 -48.93 -12.92
N LYS D 149 -10.56 -50.12 -12.66
CA LYS D 149 -9.94 -51.38 -13.03
C LYS D 149 -10.81 -52.04 -14.09
N VAL D 150 -10.24 -52.29 -15.26
CA VAL D 150 -10.97 -52.84 -16.38
C VAL D 150 -10.26 -54.10 -16.86
N ASP D 151 -10.96 -55.23 -16.81
CA ASP D 151 -10.45 -56.51 -17.33
C ASP D 151 -9.04 -56.78 -16.79
N ASN D 152 -8.89 -56.63 -15.48
CA ASN D 152 -7.61 -56.83 -14.80
C ASN D 152 -6.57 -55.80 -15.21
N ALA D 153 -6.98 -54.69 -15.79
CA ALA D 153 -6.07 -53.64 -16.25
C ALA D 153 -6.54 -52.30 -15.71
N LEU D 154 -5.62 -51.59 -15.06
CA LEU D 154 -5.94 -50.26 -14.54
C LEU D 154 -6.07 -49.27 -15.68
N GLN D 155 -7.01 -48.33 -15.52
CA GLN D 155 -7.24 -47.27 -16.52
C GLN D 155 -7.56 -46.00 -15.76
N SER D 156 -6.53 -45.19 -15.50
CA SER D 156 -6.67 -43.96 -14.74
C SER D 156 -6.49 -42.72 -15.60
N GLY D 157 -6.41 -42.87 -16.92
CA GLY D 157 -6.17 -41.74 -17.79
C GLY D 157 -7.41 -40.91 -18.07
N ASN D 158 -8.42 -41.50 -18.71
CA ASN D 158 -9.60 -40.77 -19.17
C ASN D 158 -10.71 -40.75 -18.12
N SER D 159 -10.37 -40.32 -16.91
CA SER D 159 -11.31 -40.25 -15.80
C SER D 159 -11.36 -38.82 -15.27
N GLN D 160 -12.56 -38.35 -14.95
CA GLN D 160 -12.74 -37.03 -14.38
C GLN D 160 -13.77 -37.10 -13.27
N GLU D 161 -13.48 -36.45 -12.15
CA GLU D 161 -14.28 -36.59 -10.94
C GLU D 161 -14.85 -35.24 -10.51
N SER D 162 -16.01 -35.30 -9.86
CA SER D 162 -16.65 -34.14 -9.26
C SER D 162 -17.11 -34.52 -7.86
N VAL D 163 -16.82 -33.68 -6.88
CA VAL D 163 -17.09 -33.98 -5.48
C VAL D 163 -18.14 -33.02 -4.96
N THR D 164 -19.22 -33.58 -4.43
CA THR D 164 -20.21 -32.81 -3.70
C THR D 164 -19.66 -32.46 -2.32
N GLU D 165 -19.69 -31.16 -2.01
CA GLU D 165 -19.10 -30.59 -0.82
CA GLU D 165 -19.06 -30.64 -0.80
C GLU D 165 -19.90 -31.03 0.42
N GLN D 166 -19.53 -30.48 1.58
CA GLN D 166 -20.18 -30.80 2.84
C GLN D 166 -21.68 -30.95 2.68
N ASP D 167 -22.20 -32.11 3.08
CA ASP D 167 -23.62 -32.37 2.97
C ASP D 167 -24.36 -31.63 4.08
N SER D 168 -25.68 -31.82 4.10
CA SER D 168 -26.55 -31.15 5.08
C SER D 168 -26.83 -32.10 6.23
N LYS D 169 -26.70 -31.58 7.46
CA LYS D 169 -26.98 -32.29 8.70
C LYS D 169 -26.00 -33.41 9.00
N ASP D 170 -25.05 -33.69 8.10
CA ASP D 170 -24.11 -34.77 8.32
C ASP D 170 -22.67 -34.44 7.98
N SER D 171 -22.41 -33.35 7.26
CA SER D 171 -21.04 -32.87 7.03
C SER D 171 -20.16 -33.96 6.42
N THR D 172 -20.74 -34.73 5.51
CA THR D 172 -19.98 -35.69 4.72
C THR D 172 -19.90 -35.22 3.27
N TYR D 173 -19.11 -35.95 2.48
CA TYR D 173 -18.86 -35.61 1.09
C TYR D 173 -19.41 -36.70 0.18
N SER D 174 -19.60 -36.32 -1.08
CA SER D 174 -19.93 -37.29 -2.12
C SER D 174 -18.95 -37.12 -3.26
N LEU D 175 -18.80 -38.17 -4.05
CA LEU D 175 -17.88 -38.14 -5.18
C LEU D 175 -18.47 -38.93 -6.34
N SER D 176 -18.28 -38.41 -7.55
CA SER D 176 -18.69 -39.09 -8.76
C SER D 176 -17.52 -39.05 -9.73
N SER D 177 -16.94 -40.21 -10.01
CA SER D 177 -15.87 -40.33 -10.99
C SER D 177 -16.47 -40.91 -12.27
N THR D 178 -16.34 -40.17 -13.37
CA THR D 178 -16.85 -40.57 -14.66
C THR D 178 -15.70 -40.94 -15.56
N LEU D 179 -15.74 -42.15 -16.12
CA LEU D 179 -14.82 -42.60 -17.14
C LEU D 179 -15.59 -42.68 -18.45
N THR D 180 -15.14 -41.90 -19.43
CA THR D 180 -15.80 -41.79 -20.73
C THR D 180 -14.94 -42.46 -21.78
N LEU D 181 -15.56 -43.35 -22.56
CA LEU D 181 -14.84 -44.10 -23.58
C LEU D 181 -15.76 -44.35 -24.75
N SER D 182 -15.15 -44.67 -25.90
CA SER D 182 -15.91 -44.98 -27.10
C SER D 182 -16.73 -46.24 -26.90
N LYS D 183 -17.78 -46.38 -27.70
CA LYS D 183 -18.68 -47.52 -27.56
C LYS D 183 -17.94 -48.83 -27.80
N ALA D 184 -17.13 -48.88 -28.86
CA ALA D 184 -16.47 -50.14 -29.21
C ALA D 184 -15.53 -50.61 -28.11
N ASP D 185 -14.75 -49.70 -27.53
CA ASP D 185 -13.85 -50.07 -26.45
C ASP D 185 -14.62 -50.64 -25.27
N TYR D 186 -15.76 -50.02 -24.94
CA TYR D 186 -16.59 -50.54 -23.86
C TYR D 186 -17.11 -51.93 -24.20
N GLU D 187 -17.51 -52.15 -25.47
CA GLU D 187 -18.04 -53.45 -25.86
C GLU D 187 -16.99 -54.53 -25.74
N LYS D 188 -15.76 -54.25 -26.16
CA LYS D 188 -14.72 -55.28 -26.16
C LYS D 188 -14.12 -55.52 -24.78
N HIS D 189 -14.48 -54.74 -23.78
CA HIS D 189 -14.05 -54.95 -22.41
C HIS D 189 -15.24 -55.45 -21.59
N LYS D 190 -15.04 -56.56 -20.89
CA LYS D 190 -16.14 -57.28 -20.25
C LYS D 190 -16.43 -56.78 -18.84
N VAL D 191 -15.39 -56.72 -17.99
CA VAL D 191 -15.55 -56.41 -16.58
C VAL D 191 -15.00 -55.03 -16.32
N TYR D 192 -15.80 -54.18 -15.68
CA TYR D 192 -15.37 -52.87 -15.21
C TYR D 192 -15.52 -52.82 -13.70
N ALA D 193 -14.74 -51.95 -13.06
CA ALA D 193 -14.83 -51.85 -11.62
C ALA D 193 -14.25 -50.51 -11.17
N CYS D 194 -14.81 -49.99 -10.09
CA CYS D 194 -14.29 -48.81 -9.42
C CYS D 194 -13.78 -49.21 -8.05
N GLU D 195 -12.53 -48.86 -7.76
CA GLU D 195 -11.88 -49.18 -6.50
C GLU D 195 -11.66 -47.89 -5.72
N VAL D 196 -12.07 -47.91 -4.45
CA VAL D 196 -12.02 -46.75 -3.58
C VAL D 196 -11.16 -47.07 -2.37
N THR D 197 -10.19 -46.22 -2.09
CA THR D 197 -9.39 -46.28 -0.87
C THR D 197 -9.64 -45.02 -0.08
N HIS D 198 -9.98 -45.19 1.21
CA HIS D 198 -10.36 -44.06 2.04
C HIS D 198 -10.09 -44.41 3.50
N GLN D 199 -10.04 -43.37 4.32
CA GLN D 199 -9.78 -43.55 5.75
C GLN D 199 -10.77 -44.53 6.36
N GLY D 200 -12.06 -44.34 6.10
CA GLY D 200 -13.06 -45.23 6.67
C GLY D 200 -12.85 -46.68 6.26
N LEU D 201 -12.43 -46.88 5.02
CA LEU D 201 -12.19 -48.23 4.50
C LEU D 201 -10.80 -48.68 4.93
N SER D 202 -10.74 -49.64 5.84
CA SER D 202 -9.44 -50.18 6.26
C SER D 202 -8.73 -50.85 5.08
N SER D 203 -9.49 -51.38 4.14
CA SER D 203 -8.97 -52.02 2.94
C SER D 203 -9.69 -51.45 1.73
N PRO D 204 -9.07 -51.53 0.54
CA PRO D 204 -9.73 -51.00 -0.65
C PRO D 204 -11.06 -51.69 -0.90
N VAL D 205 -12.04 -50.92 -1.37
CA VAL D 205 -13.39 -51.41 -1.64
C VAL D 205 -13.59 -51.42 -3.15
N THR D 206 -13.94 -52.59 -3.68
CA THR D 206 -14.15 -52.78 -5.11
C THR D 206 -15.65 -52.89 -5.38
N LYS D 207 -16.13 -52.16 -6.38
CA LYS D 207 -17.50 -52.32 -6.86
C LYS D 207 -17.45 -52.50 -8.36
N SER D 208 -17.93 -53.66 -8.84
CA SER D 208 -17.67 -54.10 -10.19
C SER D 208 -18.97 -54.43 -10.91
N PHE D 209 -18.91 -54.34 -12.24
CA PHE D 209 -19.99 -54.72 -13.12
C PHE D 209 -19.42 -55.52 -14.28
N ASN D 210 -20.26 -56.36 -14.87
CA ASN D 210 -19.91 -57.19 -16.01
C ASN D 210 -20.86 -56.93 -17.16
N ARG D 211 -20.33 -56.99 -18.38
CA ARG D 211 -21.08 -56.64 -19.58
C ARG D 211 -21.85 -57.84 -20.11
N GLY D 212 -23.15 -57.66 -20.32
CA GLY D 212 -23.97 -58.66 -20.97
C GLY D 212 -24.59 -59.71 -20.07
N GLU D 213 -24.35 -59.63 -18.76
CA GLU D 213 -24.95 -60.56 -17.81
C GLU D 213 -25.86 -59.81 -16.85
N CYS D 214 -26.76 -60.57 -16.22
CA CYS D 214 -27.72 -60.01 -15.28
C CYS D 214 -28.74 -59.13 -16.01
#